data_7JRX
#
_entry.id   7JRX
#
_cell.length_a   60.018
_cell.length_b   60.693
_cell.length_c   425.535
_cell.angle_alpha   90.000
_cell.angle_beta   90.000
_cell.angle_gamma   90.000
#
_symmetry.space_group_name_H-M   'C 2 2 21'
#
loop_
_entity.id
_entity.type
_entity.pdbx_description
1 polymer 'Chymotrypsin A chain A'
2 polymer 'Chymotrypsin A chain B'
3 polymer 'Chymotrypsin A chain C'
4 polymer 'Kunitz-type inihibitor'
5 water water
#
loop_
_entity_poly.entity_id
_entity_poly.type
_entity_poly.pdbx_seq_one_letter_code
_entity_poly.pdbx_strand_id
1 'polypeptide(L)' CGVPAIQPVLSGL A,a
2 'polypeptide(L)'
;IVNGEEAVPGSWPWQVSLQDKTGFHFCGGSLINENWVVTAAHCGVTTSDVVVAGEFDQGSSSEKIQKLKIAKVFKNSKYN
SLTINNDITLLKLSTAASFSQTVSAVCLPSASDDFAAGTTCVTTGWGLTRY
;
B,b
3 'polypeptide(L)'
;ANTPDRLQQASLPLLSNTNCKKYWGTKIKDAMICAGASGVSSCMGDSGGPLVCKKNGAWTLVGIVSWGSSTCSTSTPGVY
ARVTALVNWVQQTLAAN
;
C,c
4 'polypeptide(L)'
;GSSVVVDTNGQPVSNGADAYYLVPVSHGHAGLALAKIGNEAEPRAVVLDPHHRPGLPVRFESPLFINIIKESYFLNIKFG
PSSSDSGVWDVIQQDPIGLAVKVTDTKSLLGPFKVEKEGEGYKIVYYPERGQTGLDIGLVHRNDKYYLAVKDGEPCVFKI
RKATDE
;
I,i
#
# COMPACT_ATOMS: atom_id res chain seq x y z
N CYS A 1 -13.14 12.78 12.40
CA CYS A 1 -13.80 12.87 11.09
C CYS A 1 -14.81 14.01 11.12
N GLY A 2 -15.08 14.57 9.94
CA GLY A 2 -16.22 15.47 9.69
C GLY A 2 -16.08 16.85 10.33
N VAL A 3 -14.91 17.23 10.83
CA VAL A 3 -14.67 18.59 11.37
C VAL A 3 -13.48 19.19 10.63
N PRO A 4 -13.73 19.90 9.52
CA PRO A 4 -12.65 20.49 8.74
C PRO A 4 -11.82 21.49 9.56
N ALA A 5 -10.51 21.40 9.40
CA ALA A 5 -9.56 22.36 10.01
C ALA A 5 -9.86 23.78 9.48
N ILE A 6 -10.34 23.89 8.24
CA ILE A 6 -10.81 25.15 7.61
C ILE A 6 -12.32 25.06 7.52
N GLN A 7 -13.05 25.73 8.41
CA GLN A 7 -14.53 25.56 8.49
C GLN A 7 -15.18 26.08 7.22
N PRO A 8 -16.12 25.29 6.64
CA PRO A 8 -16.84 25.76 5.47
C PRO A 8 -17.76 26.92 5.86
N VAL A 9 -17.96 27.82 4.92
CA VAL A 9 -18.85 29.00 5.06
C VAL A 9 -19.88 28.90 3.94
N LEU A 10 -21.16 28.79 4.32
CA LEU A 10 -22.27 28.62 3.36
C LEU A 10 -23.23 29.81 3.48
N SER A 11 -23.55 30.42 2.35
CA SER A 11 -24.48 31.58 2.26
C SER A 11 -25.82 31.19 2.84
N GLY A 12 -26.42 32.08 3.65
CA GLY A 12 -27.70 31.86 4.33
C GLY A 12 -27.51 31.04 5.60
N LEU A 13 -26.25 30.68 5.91
CA LEU A 13 -25.86 29.70 6.95
C LEU A 13 -26.59 28.38 6.70
N ILE B 1 -22.27 21.55 -10.14
CA ILE B 1 -23.38 22.13 -9.32
C ILE B 1 -23.93 23.39 -10.01
N VAL B 2 -25.22 23.37 -10.34
CA VAL B 2 -25.97 24.52 -10.89
C VAL B 2 -26.52 25.39 -9.75
N ASN B 3 -26.25 26.70 -9.81
N ASN B 3 -26.25 26.71 -9.82
CA ASN B 3 -26.70 27.74 -8.84
CA ASN B 3 -26.70 27.75 -8.85
C ASN B 3 -26.10 27.52 -7.46
C ASN B 3 -26.09 27.52 -7.48
N GLY B 4 -24.89 26.94 -7.40
CA GLY B 4 -24.15 26.83 -6.14
C GLY B 4 -23.28 28.06 -5.95
N GLU B 5 -22.21 27.90 -5.18
CA GLU B 5 -21.20 28.97 -5.00
C GLU B 5 -19.84 28.31 -4.88
N GLU B 6 -18.79 29.07 -5.12
CA GLU B 6 -17.42 28.66 -4.78
C GLU B 6 -17.28 28.34 -3.28
N ALA B 7 -16.68 27.21 -2.93
CA ALA B 7 -16.33 26.85 -1.54
C ALA B 7 -15.18 27.73 -1.07
N VAL B 8 -15.07 27.85 0.25
CA VAL B 8 -13.81 28.27 0.93
C VAL B 8 -12.74 27.23 0.59
N PRO B 9 -11.58 27.65 0.04
CA PRO B 9 -10.54 26.70 -0.32
C PRO B 9 -10.15 25.82 0.87
N GLY B 10 -10.18 24.50 0.64
CA GLY B 10 -9.76 23.47 1.61
C GLY B 10 -10.82 23.16 2.66
N SER B 11 -12.04 23.68 2.55
CA SER B 11 -13.07 23.57 3.61
C SER B 11 -13.90 22.27 3.50
N TRP B 12 -13.69 21.49 2.45
CA TRP B 12 -14.33 20.17 2.23
C TRP B 12 -13.22 19.15 2.03
N PRO B 13 -12.41 18.90 3.07
CA PRO B 13 -11.10 18.27 2.87
C PRO B 13 -11.17 16.77 2.48
N TRP B 14 -12.36 16.17 2.55
CA TRP B 14 -12.59 14.77 2.11
C TRP B 14 -12.85 14.72 0.62
N GLN B 15 -13.17 15.83 -0.03
CA GLN B 15 -13.55 15.85 -1.46
C GLN B 15 -12.31 15.51 -2.28
N VAL B 16 -12.38 14.44 -3.07
CA VAL B 16 -11.30 14.10 -4.02
C VAL B 16 -11.87 14.23 -5.43
N SER B 17 -10.97 14.36 -6.40
CA SER B 17 -11.21 14.30 -7.85
C SER B 17 -10.69 12.95 -8.34
N LEU B 18 -11.51 12.20 -9.05
CA LEU B 18 -11.06 10.95 -9.71
C LEU B 18 -10.67 11.33 -11.13
N GLN B 19 -9.42 11.07 -11.50
CA GLN B 19 -8.87 11.52 -12.80
C GLN B 19 -8.36 10.29 -13.51
N ASP B 20 -8.53 10.25 -14.82
CA ASP B 20 -7.84 9.18 -15.54
C ASP B 20 -6.35 9.53 -15.64
N LYS B 21 -5.59 8.59 -16.18
CA LYS B 21 -4.12 8.76 -16.22
C LYS B 21 -3.72 9.95 -17.13
N THR B 22 -4.60 10.48 -17.99
CA THR B 22 -4.27 11.59 -18.93
C THR B 22 -4.64 12.95 -18.31
N GLY B 23 -5.25 12.92 -17.12
CA GLY B 23 -5.54 14.12 -16.31
C GLY B 23 -7.00 14.57 -16.32
N PHE B 24 -7.92 13.92 -17.05
N PHE B 24 -7.88 13.79 -16.93
CA PHE B 24 -9.31 14.44 -17.07
CA PHE B 24 -9.30 14.17 -17.13
C PHE B 24 -10.08 13.91 -15.86
C PHE B 24 -10.09 13.87 -15.85
N HIS B 25 -10.69 14.86 -15.19
CA HIS B 25 -11.65 14.66 -14.07
C HIS B 25 -12.92 14.00 -14.61
N PHE B 26 -13.34 12.86 -14.05
CA PHE B 26 -14.62 12.25 -14.47
C PHE B 26 -15.56 11.99 -13.29
N CYS B 27 -15.13 12.02 -12.04
CA CYS B 27 -16.02 11.71 -10.88
C CYS B 27 -15.43 12.32 -9.61
N GLY B 28 -16.28 12.57 -8.63
CA GLY B 28 -15.87 12.92 -7.26
C GLY B 28 -15.74 11.66 -6.40
N GLY B 29 -15.31 11.88 -5.16
CA GLY B 29 -15.24 10.85 -4.11
C GLY B 29 -15.01 11.50 -2.77
N SER B 30 -15.08 10.73 -1.71
CA SER B 30 -14.87 11.21 -0.33
C SER B 30 -13.89 10.28 0.37
N LEU B 31 -12.85 10.84 0.98
CA LEU B 31 -11.99 10.09 1.91
C LEU B 31 -12.78 9.76 3.16
N ILE B 32 -12.73 8.51 3.59
CA ILE B 32 -13.33 8.07 4.88
C ILE B 32 -12.21 7.71 5.86
N ASN B 33 -10.97 7.62 5.40
CA ASN B 33 -9.76 7.43 6.25
C ASN B 33 -8.54 7.56 5.34
N GLU B 34 -7.33 7.38 5.85
CA GLU B 34 -6.09 7.64 5.03
C GLU B 34 -5.96 6.64 3.87
N ASN B 35 -6.70 5.54 3.89
CA ASN B 35 -6.47 4.39 2.97
C ASN B 35 -7.69 4.12 2.08
N TRP B 36 -8.82 4.82 2.26
CA TRP B 36 -10.09 4.44 1.61
C TRP B 36 -10.86 5.65 1.10
N VAL B 37 -11.42 5.54 -0.09
CA VAL B 37 -12.30 6.56 -0.73
C VAL B 37 -13.66 5.90 -1.05
N VAL B 38 -14.75 6.61 -0.76
CA VAL B 38 -16.12 6.20 -1.18
C VAL B 38 -16.49 6.98 -2.43
N THR B 39 -16.94 6.27 -3.47
CA THR B 39 -17.40 6.92 -4.71
C THR B 39 -18.62 6.14 -5.24
N ALA B 40 -19.09 6.48 -6.42
CA ALA B 40 -20.25 5.82 -7.05
C ALA B 40 -19.77 4.61 -7.86
N ALA B 41 -20.54 3.52 -7.82
CA ALA B 41 -20.31 2.33 -8.65
C ALA B 41 -20.33 2.67 -10.15
N HIS B 42 -21.22 3.55 -10.61
CA HIS B 42 -21.36 3.83 -12.06
C HIS B 42 -20.12 4.53 -12.60
N CYS B 43 -19.28 5.10 -11.73
CA CYS B 43 -18.07 5.81 -12.18
C CYS B 43 -17.09 4.82 -12.87
N GLY B 44 -17.17 3.54 -12.55
CA GLY B 44 -16.33 2.50 -13.19
C GLY B 44 -14.84 2.73 -12.98
N VAL B 45 -14.46 3.17 -11.80
CA VAL B 45 -13.04 3.46 -11.47
C VAL B 45 -12.20 2.21 -11.66
N THR B 46 -10.98 2.34 -12.20
CA THR B 46 -10.01 1.22 -12.32
C THR B 46 -8.75 1.56 -11.55
N THR B 47 -7.91 0.56 -11.34
CA THR B 47 -6.63 0.76 -10.62
C THR B 47 -5.67 1.65 -11.43
N SER B 48 -5.98 2.05 -12.66
CA SER B 48 -5.18 2.98 -13.53
C SER B 48 -5.59 4.44 -13.33
N ASP B 49 -6.74 4.66 -12.69
CA ASP B 49 -7.20 6.02 -12.35
C ASP B 49 -6.43 6.54 -11.13
N VAL B 50 -6.50 7.84 -10.91
CA VAL B 50 -5.72 8.57 -9.87
C VAL B 50 -6.70 9.29 -8.94
N VAL B 51 -6.48 9.15 -7.63
CA VAL B 51 -7.26 9.93 -6.64
C VAL B 51 -6.51 11.23 -6.37
N VAL B 52 -7.11 12.38 -6.65
CA VAL B 52 -6.43 13.68 -6.39
C VAL B 52 -7.06 14.33 -5.17
N ALA B 53 -6.24 14.47 -4.13
CA ALA B 53 -6.67 14.98 -2.81
C ALA B 53 -6.08 16.38 -2.61
N GLY B 54 -6.83 17.25 -1.93
CA GLY B 54 -6.34 18.57 -1.47
C GLY B 54 -6.50 19.65 -2.51
N GLU B 55 -7.33 19.42 -3.50
CA GLU B 55 -7.53 20.30 -4.66
C GLU B 55 -8.63 21.33 -4.33
N PHE B 56 -8.46 22.57 -4.78
CA PHE B 56 -9.53 23.59 -4.80
C PHE B 56 -9.74 24.01 -6.25
N ASP B 57 -8.69 24.60 -6.84
CA ASP B 57 -8.69 25.11 -8.23
C ASP B 57 -7.95 24.11 -9.15
N GLN B 58 -8.70 23.44 -10.03
CA GLN B 58 -8.13 22.43 -10.94
C GLN B 58 -7.29 23.11 -12.02
N GLY B 59 -7.42 24.42 -12.19
CA GLY B 59 -6.51 25.17 -13.09
C GLY B 59 -5.21 25.63 -12.42
N SER B 60 -5.05 25.51 -11.10
CA SER B 60 -3.81 25.93 -10.39
C SER B 60 -2.70 24.90 -10.61
N SER B 61 -1.45 25.36 -10.67
CA SER B 61 -0.25 24.48 -10.68
C SER B 61 0.53 24.66 -9.38
N SER B 62 -0.04 25.36 -8.39
CA SER B 62 0.70 25.77 -7.16
C SER B 62 0.03 25.25 -5.89
N GLU B 63 -1.08 24.50 -5.95
CA GLU B 63 -1.69 23.94 -4.72
C GLU B 63 -0.87 22.74 -4.25
N LYS B 64 -0.94 22.44 -2.96
CA LYS B 64 -0.26 21.25 -2.37
C LYS B 64 -1.19 20.05 -2.52
N ILE B 65 -1.18 19.41 -3.67
CA ILE B 65 -2.14 18.31 -3.92
C ILE B 65 -1.41 16.98 -3.75
N GLN B 66 -2.18 15.94 -3.49
CA GLN B 66 -1.65 14.57 -3.40
C GLN B 66 -2.28 13.75 -4.53
N LYS B 67 -1.46 13.13 -5.36
CA LYS B 67 -1.93 12.22 -6.44
C LYS B 67 -1.74 10.80 -5.94
N LEU B 68 -2.84 10.15 -5.59
CA LEU B 68 -2.81 8.85 -4.86
C LEU B 68 -3.20 7.73 -5.82
N LYS B 69 -2.39 6.68 -5.84
CA LYS B 69 -2.63 5.46 -6.61
C LYS B 69 -3.62 4.54 -5.90
N ILE B 70 -4.29 3.73 -6.70
CA ILE B 70 -5.38 2.82 -6.24
C ILE B 70 -4.85 1.38 -6.28
N ALA B 71 -4.91 0.69 -5.16
CA ALA B 71 -4.49 -0.73 -5.03
C ALA B 71 -5.58 -1.65 -5.56
N LYS B 72 -6.83 -1.38 -5.18
CA LYS B 72 -7.95 -2.30 -5.49
C LYS B 72 -9.27 -1.53 -5.44
N VAL B 73 -10.18 -1.97 -6.27
CA VAL B 73 -11.54 -1.39 -6.42
C VAL B 73 -12.54 -2.43 -5.93
N PHE B 74 -13.44 -2.01 -5.04
CA PHE B 74 -14.47 -2.88 -4.43
C PHE B 74 -15.84 -2.30 -4.77
N LYS B 75 -16.37 -2.72 -5.93
CA LYS B 75 -17.72 -2.31 -6.37
C LYS B 75 -18.76 -3.15 -5.60
N ASN B 76 -19.78 -2.52 -5.01
CA ASN B 76 -20.85 -3.27 -4.32
C ASN B 76 -21.47 -4.25 -5.33
N SER B 77 -21.46 -5.55 -5.06
CA SER B 77 -21.98 -6.62 -5.95
C SER B 77 -23.47 -6.41 -6.21
N LYS B 78 -24.19 -5.77 -5.26
CA LYS B 78 -25.66 -5.54 -5.43
C LYS B 78 -25.92 -4.34 -6.33
N TYR B 79 -24.86 -3.68 -6.82
CA TYR B 79 -25.06 -2.59 -7.77
C TYR B 79 -25.81 -3.15 -8.95
N ASN B 80 -26.86 -2.44 -9.34
CA ASN B 80 -27.70 -2.84 -10.49
C ASN B 80 -27.57 -1.76 -11.57
N SER B 81 -26.96 -2.08 -12.70
CA SER B 81 -26.75 -1.11 -13.81
C SER B 81 -28.05 -0.76 -14.57
N LEU B 82 -29.15 -1.46 -14.34
CA LEU B 82 -30.46 -1.18 -15.02
C LEU B 82 -31.22 -0.16 -14.17
N THR B 83 -31.21 -0.35 -12.84
CA THR B 83 -31.97 0.50 -11.87
C THR B 83 -31.07 1.57 -11.23
N ILE B 84 -29.75 1.47 -11.37
CA ILE B 84 -28.74 2.35 -10.70
C ILE B 84 -28.88 2.29 -9.19
N ASN B 85 -29.36 1.18 -8.65
CA ASN B 85 -29.52 1.05 -7.19
C ASN B 85 -28.23 0.51 -6.58
N ASN B 86 -27.98 0.84 -5.31
CA ASN B 86 -26.77 0.42 -4.56
C ASN B 86 -25.53 0.99 -5.25
N ASP B 87 -25.57 2.27 -5.63
CA ASP B 87 -24.52 2.92 -6.46
C ASP B 87 -23.30 3.32 -5.59
N ILE B 88 -22.51 2.35 -5.15
CA ILE B 88 -21.34 2.64 -4.28
C ILE B 88 -20.17 1.72 -4.64
N THR B 89 -18.98 2.31 -4.62
CA THR B 89 -17.69 1.62 -4.78
C THR B 89 -16.72 2.19 -3.74
N LEU B 90 -15.94 1.31 -3.15
CA LEU B 90 -14.79 1.65 -2.26
C LEU B 90 -13.49 1.49 -3.03
N LEU B 91 -12.61 2.49 -2.91
CA LEU B 91 -11.26 2.44 -3.51
C LEU B 91 -10.27 2.29 -2.36
N LYS B 92 -9.47 1.23 -2.39
CA LYS B 92 -8.38 1.04 -1.40
C LYS B 92 -7.13 1.61 -2.02
N LEU B 93 -6.51 2.59 -1.35
CA LEU B 93 -5.36 3.35 -1.90
C LEU B 93 -4.10 2.49 -1.72
N SER B 94 -3.19 2.52 -2.70
CA SER B 94 -1.88 1.84 -2.56
C SER B 94 -0.93 2.83 -1.87
N THR B 95 -1.17 4.13 -2.02
CA THR B 95 -0.35 5.21 -1.41
C THR B 95 -1.30 5.97 -0.49
N ALA B 96 -1.15 5.83 0.82
CA ALA B 96 -2.10 6.44 1.80
C ALA B 96 -2.08 7.96 1.62
N ALA B 97 -3.22 8.60 1.83
CA ALA B 97 -3.32 10.06 1.98
C ALA B 97 -2.54 10.45 3.22
N SER B 98 -1.83 11.58 3.16
CA SER B 98 -1.23 12.30 4.31
C SER B 98 -2.24 13.35 4.77
N PHE B 99 -2.92 13.12 5.89
CA PHE B 99 -3.95 14.07 6.37
C PHE B 99 -3.27 15.38 6.77
N SER B 100 -3.97 16.47 6.53
CA SER B 100 -3.45 17.86 6.71
C SER B 100 -4.65 18.76 6.99
N GLN B 101 -4.44 20.06 6.99
CA GLN B 101 -5.52 21.07 7.08
CA GLN B 101 -5.56 21.03 7.12
C GLN B 101 -6.53 20.85 5.93
N THR B 102 -6.04 20.49 4.74
CA THR B 102 -6.84 20.46 3.47
C THR B 102 -7.23 19.04 3.07
N VAL B 103 -6.70 18.02 3.77
CA VAL B 103 -6.94 16.59 3.45
C VAL B 103 -7.32 15.86 4.73
N SER B 104 -8.56 15.35 4.78
CA SER B 104 -9.04 14.65 6.00
C SER B 104 -10.38 13.98 5.70
N ALA B 105 -10.94 13.26 6.66
CA ALA B 105 -12.00 12.24 6.42
C ALA B 105 -13.37 12.78 6.77
N VAL B 106 -14.39 12.31 6.04
CA VAL B 106 -15.82 12.56 6.36
C VAL B 106 -16.24 11.46 7.33
N CYS B 107 -17.21 11.73 8.19
CA CYS B 107 -17.76 10.66 9.06
C CYS B 107 -18.73 9.79 8.25
N LEU B 108 -18.81 8.51 8.60
CA LEU B 108 -19.87 7.63 8.06
C LEU B 108 -21.00 7.58 9.06
N PRO B 109 -22.26 7.42 8.59
CA PRO B 109 -23.37 7.22 9.53
C PRO B 109 -23.40 5.80 10.10
N SER B 110 -24.19 5.64 11.16
CA SER B 110 -24.73 4.33 11.57
C SER B 110 -25.89 3.96 10.65
N ALA B 111 -26.11 2.67 10.44
CA ALA B 111 -27.21 2.18 9.57
C ALA B 111 -28.57 2.64 10.13
N SER B 112 -28.70 2.89 11.45
CA SER B 112 -29.95 3.30 12.12
C SER B 112 -30.17 4.81 12.07
N ASP B 113 -29.20 5.60 11.58
CA ASP B 113 -29.30 7.09 11.67
C ASP B 113 -30.50 7.62 10.87
N ASP B 114 -31.20 8.64 11.41
CA ASP B 114 -32.37 9.26 10.77
C ASP B 114 -31.96 10.64 10.28
N PHE B 115 -31.90 10.81 8.97
CA PHE B 115 -31.68 12.13 8.33
C PHE B 115 -33.02 12.55 7.74
N ALA B 116 -33.79 13.32 8.52
CA ALA B 116 -35.21 13.61 8.25
C ALA B 116 -35.36 14.41 6.96
N ALA B 117 -36.43 14.12 6.24
CA ALA B 117 -36.96 14.96 5.16
C ALA B 117 -36.96 16.41 5.63
N GLY B 118 -36.51 17.31 4.77
CA GLY B 118 -36.48 18.78 5.02
C GLY B 118 -35.16 19.26 5.61
N THR B 119 -34.34 18.37 6.18
CA THR B 119 -33.01 18.71 6.69
C THR B 119 -32.21 19.44 5.60
N THR B 120 -31.52 20.52 5.96
CA THR B 120 -30.62 21.21 5.02
C THR B 120 -29.26 20.50 5.05
N CYS B 121 -28.88 19.88 3.95
CA CYS B 121 -27.54 19.30 3.79
C CYS B 121 -26.79 20.04 2.69
N VAL B 122 -25.61 19.53 2.36
CA VAL B 122 -24.69 20.19 1.41
C VAL B 122 -24.14 19.12 0.48
N THR B 123 -23.98 19.49 -0.78
CA THR B 123 -23.25 18.69 -1.78
C THR B 123 -22.15 19.57 -2.38
N THR B 124 -21.05 18.94 -2.78
CA THR B 124 -19.89 19.65 -3.37
C THR B 124 -19.39 18.91 -4.61
N GLY B 125 -18.70 19.63 -5.49
CA GLY B 125 -17.98 18.99 -6.61
C GLY B 125 -17.56 20.00 -7.66
N TRP B 126 -16.99 19.47 -8.74
CA TRP B 126 -16.57 20.27 -9.93
C TRP B 126 -17.47 19.98 -11.15
N GLY B 127 -18.71 19.51 -10.92
CA GLY B 127 -19.65 19.27 -12.01
C GLY B 127 -20.03 20.56 -12.71
N LEU B 128 -20.68 20.44 -13.85
CA LEU B 128 -21.08 21.63 -14.65
C LEU B 128 -21.83 22.59 -13.76
N THR B 129 -21.66 23.91 -14.00
CA THR B 129 -22.47 24.98 -13.35
C THR B 129 -23.63 25.42 -14.26
N ARG B 130 -23.63 24.95 -15.51
CA ARG B 130 -24.70 25.16 -16.52
C ARG B 130 -24.66 23.96 -17.46
N TYR B 131 -25.83 23.40 -17.79
CA TYR B 131 -25.98 22.29 -18.74
C TYR B 131 -25.90 22.86 -20.16
N ALA C 1 -22.34 24.53 -22.07
CA ALA C 1 -22.11 23.80 -20.76
C ALA C 1 -20.79 24.28 -20.14
N ASN C 2 -20.80 24.76 -18.87
CA ASN C 2 -19.65 25.46 -18.24
C ASN C 2 -19.05 24.61 -17.10
N THR C 3 -17.79 24.20 -17.18
CA THR C 3 -17.09 23.32 -16.20
C THR C 3 -16.24 24.18 -15.28
N PRO C 4 -16.50 24.21 -13.95
CA PRO C 4 -15.75 25.13 -13.09
C PRO C 4 -14.36 24.57 -12.75
N ASP C 5 -13.37 25.47 -12.75
CA ASP C 5 -12.04 25.20 -12.17
C ASP C 5 -12.14 25.03 -10.66
N ARG C 6 -12.95 25.86 -9.99
CA ARG C 6 -12.94 25.94 -8.50
C ARG C 6 -14.07 25.10 -7.91
N LEU C 7 -13.76 24.41 -6.81
CA LEU C 7 -14.74 23.50 -6.13
C LEU C 7 -15.99 24.33 -5.79
N GLN C 8 -17.16 23.81 -6.14
CA GLN C 8 -18.49 24.41 -5.79
C GLN C 8 -19.19 23.66 -4.65
N GLN C 9 -20.11 24.35 -4.01
CA GLN C 9 -20.92 23.84 -2.88
C GLN C 9 -22.33 24.40 -3.08
N ALA C 10 -23.33 23.69 -2.59
CA ALA C 10 -24.73 24.16 -2.55
C ALA C 10 -25.40 23.51 -1.35
N SER C 11 -26.20 24.29 -0.61
CA SER C 11 -27.06 23.73 0.45
C SER C 11 -28.39 23.37 -0.21
N LEU C 12 -28.98 22.28 0.24
CA LEU C 12 -30.21 21.75 -0.37
C LEU C 12 -30.91 20.81 0.62
N PRO C 13 -32.26 20.71 0.56
CA PRO C 13 -32.98 19.88 1.52
C PRO C 13 -33.10 18.43 1.07
N LEU C 14 -33.11 17.52 2.03
CA LEU C 14 -33.48 16.11 1.78
C LEU C 14 -34.99 16.01 1.51
N LEU C 15 -35.39 15.05 0.71
CA LEU C 15 -36.81 14.65 0.54
C LEU C 15 -37.05 13.28 1.13
N SER C 16 -38.32 12.99 1.47
CA SER C 16 -38.79 11.62 1.72
C SER C 16 -38.81 10.88 0.37
N ASN C 17 -38.59 9.57 0.39
CA ASN C 17 -38.69 8.73 -0.84
C ASN C 17 -40.11 8.85 -1.40
N THR C 18 -41.15 8.89 -0.55
CA THR C 18 -42.53 9.02 -1.08
C THR C 18 -42.69 10.31 -1.87
N ASN C 19 -42.18 11.42 -1.36
CA ASN C 19 -42.27 12.73 -2.08
C ASN C 19 -41.41 12.69 -3.34
N CYS C 20 -40.24 12.02 -3.30
CA CYS C 20 -39.36 11.90 -4.48
C CYS C 20 -40.06 11.16 -5.64
N LYS C 21 -40.91 10.19 -5.34
CA LYS C 21 -41.66 9.41 -6.35
C LYS C 21 -42.59 10.30 -7.18
N LYS C 22 -43.01 11.47 -6.67
CA LYS C 22 -43.78 12.46 -7.49
C LYS C 22 -42.99 12.82 -8.75
N TYR C 23 -41.67 12.89 -8.63
CA TYR C 23 -40.78 13.32 -9.72
C TYR C 23 -40.29 12.13 -10.54
N TRP C 24 -39.95 11.00 -9.91
CA TRP C 24 -39.19 9.92 -10.58
C TRP C 24 -39.91 8.58 -10.54
N GLY C 25 -41.07 8.51 -9.89
CA GLY C 25 -41.85 7.26 -9.79
C GLY C 25 -41.09 6.07 -9.25
N THR C 26 -41.26 4.90 -9.86
CA THR C 26 -40.82 3.62 -9.30
C THR C 26 -39.29 3.48 -9.44
N LYS C 27 -38.63 4.43 -10.07
CA LYS C 27 -37.14 4.44 -10.16
C LYS C 27 -36.55 4.60 -8.75
N ILE C 28 -37.29 5.19 -7.80
CA ILE C 28 -36.73 5.51 -6.44
C ILE C 28 -36.81 4.26 -5.56
N LYS C 29 -35.66 3.73 -5.20
CA LYS C 29 -35.53 2.49 -4.38
C LYS C 29 -35.13 2.83 -2.96
N ASP C 30 -35.18 1.83 -2.07
CA ASP C 30 -34.87 2.05 -0.62
C ASP C 30 -33.42 2.56 -0.46
N ALA C 31 -32.50 2.13 -1.32
CA ALA C 31 -31.06 2.49 -1.21
C ALA C 31 -30.75 3.78 -1.98
N MET C 32 -31.77 4.62 -2.25
CA MET C 32 -31.61 5.96 -2.80
C MET C 32 -32.18 6.97 -1.80
N ILE C 33 -31.63 8.18 -1.83
CA ILE C 33 -32.18 9.38 -1.14
C ILE C 33 -32.15 10.54 -2.12
N CYS C 34 -33.26 11.27 -2.19
CA CYS C 34 -33.36 12.48 -3.03
C CYS C 34 -33.08 13.73 -2.22
N ALA C 35 -32.58 14.75 -2.90
CA ALA C 35 -32.26 16.05 -2.30
C ALA C 35 -32.29 17.12 -3.38
N GLY C 36 -32.77 18.30 -3.04
CA GLY C 36 -32.82 19.43 -3.97
C GLY C 36 -34.25 19.78 -4.40
N ALA C 37 -34.43 19.95 -5.71
CA ALA C 37 -35.60 20.61 -6.37
C ALA C 37 -35.85 22.00 -5.77
N SER C 38 -34.81 22.60 -5.19
CA SER C 38 -34.87 23.80 -4.31
C SER C 38 -34.21 25.00 -4.97
N GLY C 39 -33.92 24.96 -6.29
CA GLY C 39 -33.22 26.04 -7.01
C GLY C 39 -31.74 25.75 -7.26
N VAL C 40 -31.26 24.58 -6.83
CA VAL C 40 -29.87 24.12 -7.08
C VAL C 40 -29.97 22.71 -7.63
N SER C 41 -28.90 22.23 -8.28
CA SER C 41 -28.81 20.83 -8.77
C SER C 41 -27.35 20.37 -8.82
N SER C 42 -27.11 19.12 -8.45
CA SER C 42 -25.92 18.34 -8.85
C SER C 42 -25.95 18.28 -10.39
N CYS C 43 -24.79 18.20 -11.02
CA CYS C 43 -24.73 18.11 -12.51
C CYS C 43 -23.52 17.29 -12.98
N MET C 44 -23.37 17.11 -14.30
CA MET C 44 -22.42 16.16 -14.90
C MET C 44 -20.99 16.49 -14.43
N GLY C 45 -20.32 15.51 -13.84
CA GLY C 45 -19.00 15.68 -13.21
C GLY C 45 -19.08 15.74 -11.68
N ASP C 46 -20.29 15.84 -11.09
CA ASP C 46 -20.46 15.76 -9.61
C ASP C 46 -20.59 14.30 -9.13
N SER C 47 -20.93 13.35 -10.02
CA SER C 47 -21.13 11.91 -9.70
C SER C 47 -20.01 11.42 -8.78
N GLY C 48 -20.35 10.59 -7.80
CA GLY C 48 -19.38 9.96 -6.88
C GLY C 48 -19.01 10.84 -5.69
N GLY C 49 -19.34 12.13 -5.76
CA GLY C 49 -19.01 13.05 -4.66
C GLY C 49 -20.03 12.99 -3.54
N PRO C 50 -19.83 13.79 -2.49
CA PRO C 50 -20.64 13.71 -1.28
C PRO C 50 -21.90 14.59 -1.20
N LEU C 51 -22.90 14.05 -0.51
CA LEU C 51 -24.02 14.76 0.14
C LEU C 51 -23.80 14.59 1.63
N VAL C 52 -23.51 15.69 2.32
CA VAL C 52 -23.17 15.65 3.76
C VAL C 52 -24.22 16.44 4.57
N CYS C 53 -24.52 15.92 5.75
CA CYS C 53 -25.44 16.52 6.76
C CYS C 53 -24.70 16.55 8.08
N LYS C 54 -24.92 17.60 8.87
CA LYS C 54 -24.36 17.62 10.25
C LYS C 54 -25.10 16.65 11.16
N LYS C 55 -24.35 15.82 11.87
CA LYS C 55 -24.84 15.01 13.01
C LYS C 55 -23.87 15.29 14.15
N ASN C 56 -24.35 15.79 15.29
CA ASN C 56 -23.50 15.86 16.51
C ASN C 56 -22.25 16.68 16.19
N GLY C 57 -22.40 17.78 15.47
CA GLY C 57 -21.36 18.78 15.22
C GLY C 57 -20.42 18.38 14.07
N ALA C 58 -20.60 17.18 13.48
CA ALA C 58 -19.64 16.63 12.48
C ALA C 58 -20.38 16.38 11.14
N TRP C 59 -19.70 16.64 10.04
CA TRP C 59 -20.27 16.38 8.69
C TRP C 59 -20.25 14.86 8.46
N THR C 60 -21.39 14.31 8.07
CA THR C 60 -21.62 12.88 7.88
C THR C 60 -22.08 12.66 6.44
N LEU C 61 -21.51 11.65 5.81
CA LEU C 61 -21.86 11.25 4.43
C LEU C 61 -23.22 10.57 4.42
N VAL C 62 -24.22 11.27 3.93
CA VAL C 62 -25.62 10.77 3.85
C VAL C 62 -25.86 10.23 2.45
N GLY C 63 -25.27 10.86 1.43
CA GLY C 63 -25.51 10.45 0.06
C GLY C 63 -24.24 10.49 -0.77
N ILE C 64 -24.29 9.75 -1.87
CA ILE C 64 -23.27 9.78 -2.96
C ILE C 64 -23.98 10.24 -4.23
N VAL C 65 -23.49 11.31 -4.81
CA VAL C 65 -24.06 11.88 -6.06
C VAL C 65 -24.21 10.75 -7.07
N SER C 66 -25.42 10.54 -7.57
CA SER C 66 -25.73 9.40 -8.45
C SER C 66 -26.37 9.85 -9.78
N TRP C 67 -27.66 10.25 -9.83
CA TRP C 67 -28.36 10.45 -11.12
C TRP C 67 -29.51 11.46 -10.96
N GLY C 68 -30.02 11.99 -12.08
CA GLY C 68 -31.22 12.84 -12.06
C GLY C 68 -31.55 13.38 -13.41
N SER C 69 -32.00 14.63 -13.43
CA SER C 69 -32.42 15.42 -14.60
C SER C 69 -31.30 15.47 -15.64
N SER C 70 -31.60 15.04 -16.85
CA SER C 70 -30.68 15.17 -18.02
C SER C 70 -30.37 16.64 -18.33
N THR C 71 -31.06 17.61 -17.74
CA THR C 71 -30.78 19.07 -17.91
C THR C 71 -30.29 19.69 -16.60
N CYS C 72 -30.10 18.88 -15.55
CA CYS C 72 -29.75 19.40 -14.21
C CYS C 72 -30.76 20.47 -13.77
N SER C 73 -32.04 20.21 -14.05
CA SER C 73 -33.17 21.06 -13.64
C SER C 73 -33.12 21.34 -12.14
N THR C 74 -33.20 22.61 -11.75
CA THR C 74 -33.15 23.04 -10.34
C THR C 74 -34.53 22.89 -9.67
N SER C 75 -35.56 22.46 -10.39
CA SER C 75 -36.92 22.22 -9.82
C SER C 75 -37.21 20.73 -9.75
N THR C 76 -36.23 19.87 -10.07
CA THR C 76 -36.31 18.41 -9.93
C THR C 76 -35.26 17.95 -8.92
N PRO C 77 -35.55 16.98 -8.03
CA PRO C 77 -34.55 16.55 -7.04
C PRO C 77 -33.49 15.68 -7.71
N GLY C 78 -32.26 15.82 -7.23
CA GLY C 78 -31.20 14.86 -7.53
C GLY C 78 -31.40 13.57 -6.78
N VAL C 79 -30.83 12.49 -7.29
CA VAL C 79 -30.95 11.17 -6.62
C VAL C 79 -29.55 10.73 -6.23
N TYR C 80 -29.40 10.36 -4.96
CA TYR C 80 -28.11 10.03 -4.32
C TYR C 80 -28.19 8.60 -3.77
N ALA C 81 -27.08 7.89 -3.76
CA ALA C 81 -26.98 6.58 -3.07
C ALA C 81 -27.16 6.85 -1.58
N ARG C 82 -28.05 6.12 -0.93
CA ARG C 82 -28.35 6.30 0.51
C ARG C 82 -27.28 5.56 1.34
N VAL C 83 -26.40 6.30 1.98
CA VAL C 83 -25.26 5.66 2.68
C VAL C 83 -25.75 4.83 3.88
N THR C 84 -26.80 5.22 4.61
CA THR C 84 -27.27 4.37 5.73
C THR C 84 -27.58 2.95 5.24
N ALA C 85 -28.09 2.80 4.03
CA ALA C 85 -28.50 1.52 3.45
C ALA C 85 -27.27 0.70 3.04
N LEU C 86 -26.11 1.34 2.90
CA LEU C 86 -24.91 0.73 2.29
C LEU C 86 -23.74 0.67 3.28
N VAL C 87 -23.90 1.26 4.46
CA VAL C 87 -22.74 1.41 5.38
C VAL C 87 -22.38 0.08 6.06
N ASN C 88 -23.32 -0.84 6.29
CA ASN C 88 -22.95 -2.17 6.82
C ASN C 88 -21.97 -2.83 5.82
N TRP C 89 -22.25 -2.75 4.53
CA TRP C 89 -21.34 -3.27 3.47
C TRP C 89 -19.99 -2.54 3.50
N VAL C 90 -19.97 -1.23 3.66
CA VAL C 90 -18.71 -0.43 3.75
C VAL C 90 -17.87 -1.00 4.90
N GLN C 91 -18.47 -1.13 6.07
CA GLN C 91 -17.71 -1.47 7.30
C GLN C 91 -17.17 -2.90 7.17
N GLN C 92 -17.95 -3.82 6.61
CA GLN C 92 -17.50 -5.22 6.46
CA GLN C 92 -17.53 -5.23 6.40
C GLN C 92 -16.36 -5.25 5.43
N THR C 93 -16.42 -4.42 4.39
CA THR C 93 -15.37 -4.36 3.34
C THR C 93 -14.08 -3.85 3.99
N LEU C 94 -14.13 -2.76 4.74
CA LEU C 94 -12.93 -2.24 5.42
C LEU C 94 -12.38 -3.30 6.36
N ALA C 95 -13.23 -3.94 7.14
CA ALA C 95 -12.79 -4.85 8.22
C ALA C 95 -12.13 -6.09 7.62
N ALA C 96 -12.51 -6.50 6.41
CA ALA C 96 -12.00 -7.71 5.73
C ALA C 96 -10.74 -7.40 4.92
N ASN C 97 -10.46 -6.11 4.72
CA ASN C 97 -9.36 -5.64 3.83
C ASN C 97 -8.42 -4.72 4.61
N SER D 2 -17.63 -1.74 -20.06
CA SER D 2 -17.52 -0.57 -19.10
C SER D 2 -16.31 0.34 -19.42
N SER D 3 -15.60 0.15 -20.53
CA SER D 3 -14.57 1.12 -21.00
C SER D 3 -15.19 2.49 -21.30
N VAL D 4 -14.37 3.50 -21.23
CA VAL D 4 -14.72 4.88 -21.64
C VAL D 4 -14.86 4.88 -23.17
N VAL D 5 -15.95 5.43 -23.69
CA VAL D 5 -16.10 5.66 -25.16
C VAL D 5 -15.29 6.89 -25.54
N VAL D 6 -14.42 6.78 -26.56
CA VAL D 6 -13.54 7.92 -26.95
C VAL D 6 -13.81 8.32 -28.40
N ASP D 7 -13.46 9.58 -28.70
CA ASP D 7 -13.66 10.23 -30.02
C ASP D 7 -12.38 9.97 -30.81
N THR D 8 -12.31 10.55 -32.01
CA THR D 8 -11.21 10.26 -32.97
C THR D 8 -9.90 10.87 -32.45
N ASN D 9 -9.99 11.80 -31.53
CA ASN D 9 -8.82 12.44 -30.85
C ASN D 9 -8.43 11.68 -29.58
N GLY D 10 -9.08 10.56 -29.26
CA GLY D 10 -8.81 9.75 -28.06
C GLY D 10 -9.34 10.42 -26.80
N GLN D 11 -10.20 11.43 -26.93
CA GLN D 11 -10.81 12.15 -25.79
C GLN D 11 -12.15 11.49 -25.44
N PRO D 12 -12.53 11.47 -24.15
CA PRO D 12 -13.78 10.85 -23.74
C PRO D 12 -14.95 11.59 -24.40
N VAL D 13 -15.94 10.83 -24.85
CA VAL D 13 -17.20 11.41 -25.35
C VAL D 13 -18.00 11.93 -24.16
N SER D 14 -18.49 13.16 -24.26
CA SER D 14 -19.23 13.82 -23.16
C SER D 14 -20.67 13.32 -23.07
N ASN D 15 -21.23 13.47 -21.86
CA ASN D 15 -22.64 13.15 -21.55
C ASN D 15 -23.47 14.37 -21.90
N GLY D 16 -23.88 14.48 -23.16
CA GLY D 16 -24.86 15.49 -23.61
C GLY D 16 -24.25 16.82 -24.03
N ALA D 17 -23.12 17.26 -23.46
CA ALA D 17 -22.56 18.62 -23.56
C ALA D 17 -22.06 18.92 -24.99
N ASP D 18 -21.47 17.97 -25.69
CA ASP D 18 -20.85 18.16 -27.02
C ASP D 18 -21.56 17.24 -28.01
N ALA D 19 -21.52 17.61 -29.29
CA ALA D 19 -22.13 16.84 -30.38
C ALA D 19 -21.02 16.19 -31.20
N TYR D 20 -21.29 15.03 -31.78
CA TYR D 20 -20.33 14.15 -32.47
C TYR D 20 -20.92 13.68 -33.80
N TYR D 21 -20.07 13.59 -34.80
CA TYR D 21 -20.41 12.91 -36.08
C TYR D 21 -20.14 11.43 -35.89
N LEU D 22 -21.08 10.60 -36.28
CA LEU D 22 -20.86 9.14 -36.39
C LEU D 22 -20.40 8.87 -37.82
N VAL D 23 -19.11 8.53 -37.99
CA VAL D 23 -18.42 8.38 -39.30
C VAL D 23 -18.23 6.91 -39.59
N PRO D 24 -19.01 6.37 -40.57
CA PRO D 24 -18.96 4.96 -40.88
C PRO D 24 -17.59 4.58 -41.42
N VAL D 25 -17.03 3.46 -40.95
CA VAL D 25 -15.68 2.98 -41.36
C VAL D 25 -15.76 2.38 -42.77
N SER D 26 -16.90 1.84 -43.19
CA SER D 26 -17.20 1.43 -44.59
C SER D 26 -18.17 2.45 -45.16
N HIS D 27 -18.91 2.12 -46.22
CA HIS D 27 -19.93 3.00 -46.83
C HIS D 27 -19.30 4.39 -47.02
N GLY D 28 -18.03 4.36 -47.42
CA GLY D 28 -17.12 5.52 -47.59
C GLY D 28 -17.61 6.74 -46.84
N HIS D 29 -17.71 7.85 -47.56
CA HIS D 29 -18.13 9.17 -47.06
C HIS D 29 -19.66 9.29 -47.22
N ALA D 30 -20.41 8.43 -46.50
CA ALA D 30 -21.86 8.61 -46.22
C ALA D 30 -22.00 9.25 -44.84
N GLY D 31 -23.07 10.03 -44.62
CA GLY D 31 -23.35 10.78 -43.38
C GLY D 31 -24.79 10.64 -42.92
N LEU D 32 -25.04 10.78 -41.61
CA LEU D 32 -26.41 10.67 -41.05
C LEU D 32 -27.34 11.77 -41.61
N ALA D 33 -28.56 11.38 -41.94
CA ALA D 33 -29.64 12.29 -42.38
C ALA D 33 -30.99 11.72 -41.94
N LEU D 34 -32.03 12.54 -42.02
CA LEU D 34 -33.45 12.11 -41.88
C LEU D 34 -34.05 11.92 -43.28
N ALA D 35 -34.83 10.86 -43.47
CA ALA D 35 -35.51 10.56 -44.76
C ALA D 35 -36.94 10.08 -44.49
N LYS D 36 -37.80 10.13 -45.52
CA LYS D 36 -39.14 9.50 -45.50
C LYS D 36 -38.98 7.99 -45.77
N ILE D 37 -39.71 7.16 -45.02
CA ILE D 37 -40.15 5.79 -45.44
C ILE D 37 -41.60 5.99 -45.91
N GLY D 38 -41.95 5.31 -47.01
CA GLY D 38 -43.24 5.47 -47.71
C GLY D 38 -43.42 6.89 -48.16
N ASN D 39 -44.45 7.56 -47.65
CA ASN D 39 -44.68 9.02 -47.83
C ASN D 39 -45.40 9.53 -46.59
N GLU D 40 -44.69 9.66 -45.46
CA GLU D 40 -45.23 10.44 -44.33
C GLU D 40 -45.00 11.92 -44.65
N ALA D 41 -45.76 12.79 -43.96
CA ALA D 41 -45.54 14.24 -43.83
C ALA D 41 -44.04 14.54 -43.74
N GLU D 42 -43.40 14.12 -42.65
CA GLU D 42 -42.02 14.53 -42.29
C GLU D 42 -41.04 13.39 -42.50
N PRO D 43 -39.77 13.68 -42.90
CA PRO D 43 -38.70 12.67 -42.88
C PRO D 43 -38.26 12.39 -41.43
N ARG D 44 -38.45 11.16 -40.97
CA ARG D 44 -38.22 10.77 -39.56
C ARG D 44 -37.34 9.51 -39.46
N ALA D 45 -36.99 8.90 -40.59
CA ALA D 45 -36.13 7.70 -40.61
C ALA D 45 -34.68 8.14 -40.56
N VAL D 46 -33.87 7.49 -39.73
CA VAL D 46 -32.41 7.79 -39.66
C VAL D 46 -31.71 6.97 -40.73
N VAL D 47 -30.97 7.64 -41.61
CA VAL D 47 -30.25 6.99 -42.73
C VAL D 47 -28.83 7.52 -42.77
N LEU D 48 -27.95 6.75 -43.41
CA LEU D 48 -26.68 7.23 -44.01
C LEU D 48 -26.99 7.56 -45.46
N ASP D 49 -26.76 8.81 -45.83
CA ASP D 49 -26.97 9.36 -47.19
C ASP D 49 -25.59 9.53 -47.81
N PRO D 50 -25.31 8.90 -48.97
CA PRO D 50 -24.01 9.05 -49.64
C PRO D 50 -23.73 10.47 -50.15
N HIS D 51 -24.76 11.32 -50.20
CA HIS D 51 -24.67 12.73 -50.68
C HIS D 51 -24.44 13.70 -49.52
N HIS D 52 -24.32 13.19 -48.28
CA HIS D 52 -24.10 14.02 -47.06
C HIS D 52 -22.77 13.63 -46.38
N ARG D 53 -21.88 14.61 -46.25
CA ARG D 53 -20.69 14.57 -45.37
C ARG D 53 -20.61 15.90 -44.64
N PRO D 54 -20.37 15.92 -43.30
CA PRO D 54 -20.16 14.69 -42.53
C PRO D 54 -21.47 14.09 -41.99
N GLY D 55 -22.61 14.78 -42.19
CA GLY D 55 -23.92 14.34 -41.68
C GLY D 55 -24.35 15.10 -40.45
N LEU D 56 -25.54 14.80 -39.95
CA LEU D 56 -26.12 15.45 -38.74
C LEU D 56 -25.38 14.90 -37.53
N PRO D 57 -24.83 15.76 -36.66
CA PRO D 57 -24.19 15.27 -35.44
C PRO D 57 -25.22 14.91 -34.36
N VAL D 58 -24.81 14.00 -33.48
CA VAL D 58 -25.64 13.48 -32.38
C VAL D 58 -25.05 13.89 -31.02
N ARG D 59 -25.90 13.83 -30.00
CA ARG D 59 -25.49 13.91 -28.58
C ARG D 59 -25.92 12.63 -27.87
N PHE D 60 -25.08 12.18 -26.94
CA PHE D 60 -25.35 10.96 -26.13
C PHE D 60 -25.80 11.39 -24.74
N GLU D 61 -26.92 10.86 -24.22
CA GLU D 61 -27.46 11.36 -22.93
C GLU D 61 -27.66 10.21 -21.95
N SER D 62 -27.10 10.35 -20.75
CA SER D 62 -27.27 9.43 -19.60
C SER D 62 -27.83 10.25 -18.45
N PRO D 63 -28.73 9.71 -17.61
CA PRO D 63 -29.19 10.44 -16.43
C PRO D 63 -28.16 10.45 -15.29
N LEU D 64 -27.10 9.63 -15.40
CA LEU D 64 -26.00 9.61 -14.40
C LEU D 64 -25.34 10.99 -14.40
N PHE D 65 -24.94 11.49 -13.22
CA PHE D 65 -24.33 12.84 -13.14
C PHE D 65 -22.82 12.78 -13.44
N ILE D 66 -22.46 12.02 -14.47
CA ILE D 66 -21.06 11.85 -14.94
C ILE D 66 -20.90 12.63 -16.26
N ASN D 67 -19.67 13.12 -16.52
CA ASN D 67 -19.40 13.98 -17.68
C ASN D 67 -18.86 13.17 -18.87
N ILE D 68 -18.86 11.84 -18.80
CA ILE D 68 -18.35 10.99 -19.91
C ILE D 68 -19.28 9.79 -20.12
N ILE D 69 -19.15 9.14 -21.27
CA ILE D 69 -19.97 7.96 -21.64
C ILE D 69 -19.07 6.74 -21.52
N LYS D 70 -19.57 5.69 -20.89
CA LYS D 70 -18.92 4.36 -20.83
C LYS D 70 -19.80 3.38 -21.61
N GLU D 71 -19.20 2.30 -22.07
CA GLU D 71 -19.88 1.28 -22.91
C GLU D 71 -21.04 0.62 -22.16
N SER D 72 -21.05 0.64 -20.82
CA SER D 72 -22.09 -0.05 -20.02
C SER D 72 -23.33 0.83 -19.85
N TYR D 73 -23.30 2.12 -20.25
CA TYR D 73 -24.39 3.06 -19.95
C TYR D 73 -25.51 2.91 -20.98
N PHE D 74 -26.76 2.89 -20.50
CA PHE D 74 -27.96 3.01 -21.36
C PHE D 74 -28.11 4.48 -21.73
N LEU D 75 -28.26 4.76 -23.03
CA LEU D 75 -28.18 6.13 -23.59
C LEU D 75 -29.45 6.46 -24.39
N ASN D 76 -29.84 7.73 -24.36
CA ASN D 76 -30.61 8.38 -25.44
C ASN D 76 -29.61 8.93 -26.44
N ILE D 77 -29.94 8.88 -27.72
CA ILE D 77 -29.15 9.45 -28.83
C ILE D 77 -30.05 10.45 -29.53
N LYS D 78 -29.58 11.64 -29.83
CA LYS D 78 -30.49 12.66 -30.41
C LYS D 78 -29.74 13.59 -31.36
N PHE D 79 -30.44 14.01 -32.40
CA PHE D 79 -29.99 15.09 -33.31
C PHE D 79 -30.27 16.44 -32.63
N GLY D 80 -29.57 17.47 -33.10
CA GLY D 80 -29.84 18.87 -32.75
C GLY D 80 -29.19 19.29 -31.44
N PRO D 81 -29.47 20.53 -30.98
CA PRO D 81 -28.86 21.06 -29.76
C PRO D 81 -29.46 20.42 -28.50
N SER D 82 -28.79 20.58 -27.36
CA SER D 82 -29.24 20.10 -26.02
C SER D 82 -30.66 20.59 -25.72
N SER D 83 -31.00 21.81 -26.12
CA SER D 83 -32.29 22.49 -25.82
C SER D 83 -33.46 21.73 -26.48
N SER D 84 -33.26 21.13 -27.66
CA SER D 84 -34.34 20.47 -28.45
C SER D 84 -34.46 18.99 -28.09
N ASP D 85 -35.68 18.45 -28.19
CA ASP D 85 -35.97 17.00 -28.01
C ASP D 85 -36.64 16.45 -29.29
N SER D 86 -36.72 17.25 -30.35
CA SER D 86 -37.44 16.85 -31.57
C SER D 86 -36.71 15.68 -32.26
N GLY D 87 -35.42 15.48 -31.94
CA GLY D 87 -34.55 14.57 -32.71
C GLY D 87 -34.10 13.31 -31.97
N VAL D 88 -34.92 12.75 -31.04
CA VAL D 88 -34.55 11.58 -30.18
C VAL D 88 -34.77 10.22 -30.87
N TRP D 89 -33.75 9.37 -30.88
CA TRP D 89 -33.79 8.07 -31.63
C TRP D 89 -34.64 7.05 -30.88
N ASP D 90 -35.35 6.23 -31.63
CA ASP D 90 -36.03 5.03 -31.11
C ASP D 90 -36.13 4.05 -32.27
N VAL D 91 -36.59 2.85 -31.95
CA VAL D 91 -36.69 1.72 -32.92
C VAL D 91 -38.18 1.45 -33.09
N ILE D 92 -38.67 1.55 -34.31
CA ILE D 92 -40.12 1.50 -34.66
C ILE D 92 -40.27 0.50 -35.81
N GLN D 93 -41.24 -0.41 -35.66
CA GLN D 93 -41.67 -1.33 -36.74
C GLN D 93 -42.05 -0.51 -37.97
N GLN D 94 -41.45 -0.78 -39.14
CA GLN D 94 -41.70 0.03 -40.37
C GLN D 94 -41.37 -0.71 -41.67
N ASP D 95 -42.38 -1.14 -42.42
CA ASP D 95 -42.14 -1.82 -43.70
C ASP D 95 -41.67 -0.78 -44.70
N PRO D 96 -40.80 -1.11 -45.67
CA PRO D 96 -40.15 -2.42 -45.75
C PRO D 96 -38.81 -2.57 -45.03
N ILE D 97 -38.46 -1.66 -44.12
CA ILE D 97 -37.14 -1.66 -43.43
C ILE D 97 -37.11 -2.78 -42.39
N GLY D 98 -38.16 -2.90 -41.59
CA GLY D 98 -38.17 -3.78 -40.40
C GLY D 98 -38.21 -2.96 -39.13
N LEU D 99 -37.30 -3.23 -38.18
CA LEU D 99 -37.19 -2.42 -36.95
C LEU D 99 -36.26 -1.24 -37.28
N ALA D 100 -36.85 -0.13 -37.69
CA ALA D 100 -36.14 1.05 -38.25
C ALA D 100 -35.78 2.00 -37.11
N VAL D 101 -34.61 2.62 -37.19
CA VAL D 101 -34.26 3.74 -36.28
C VAL D 101 -34.93 5.00 -36.82
N LYS D 102 -35.79 5.61 -36.01
CA LYS D 102 -36.54 6.85 -36.34
C LYS D 102 -36.47 7.83 -35.16
N VAL D 103 -36.66 9.12 -35.45
CA VAL D 103 -36.78 10.19 -34.42
C VAL D 103 -38.22 10.22 -33.94
N THR D 104 -38.39 10.36 -32.64
CA THR D 104 -39.71 10.35 -31.96
C THR D 104 -39.76 11.61 -31.09
N ASP D 105 -40.97 12.03 -30.72
CA ASP D 105 -41.29 13.25 -29.95
CA ASP D 105 -41.10 13.27 -29.91
C ASP D 105 -41.46 12.88 -28.47
N THR D 106 -40.89 11.76 -28.03
CA THR D 106 -40.96 11.26 -26.63
C THR D 106 -39.63 10.62 -26.23
N LYS D 107 -39.22 10.76 -24.96
CA LYS D 107 -37.93 10.29 -24.38
C LYS D 107 -38.15 9.62 -23.03
N SER D 108 -37.57 8.44 -22.79
CA SER D 108 -37.57 7.68 -21.51
C SER D 108 -36.28 7.99 -20.71
N LEU D 109 -36.30 7.88 -19.37
CA LEU D 109 -35.14 8.18 -18.47
C LEU D 109 -33.89 7.47 -18.98
N LEU D 110 -34.00 6.15 -19.02
CA LEU D 110 -33.02 5.19 -19.53
C LEU D 110 -33.37 5.00 -21.01
N GLY D 111 -32.49 5.45 -21.90
CA GLY D 111 -32.65 5.20 -23.34
C GLY D 111 -32.40 3.74 -23.65
N PRO D 112 -32.69 3.30 -24.88
CA PRO D 112 -32.54 1.89 -25.24
C PRO D 112 -31.21 1.52 -25.90
N PHE D 113 -30.26 2.46 -26.00
CA PHE D 113 -29.05 2.22 -26.80
C PHE D 113 -27.83 2.13 -25.88
N LYS D 114 -26.86 1.34 -26.31
CA LYS D 114 -25.48 1.41 -25.80
C LYS D 114 -24.52 1.61 -26.97
N VAL D 115 -23.35 2.14 -26.69
CA VAL D 115 -22.26 2.29 -27.69
C VAL D 115 -21.21 1.24 -27.26
N GLU D 116 -20.95 0.25 -28.10
CA GLU D 116 -20.03 -0.88 -27.80
C GLU D 116 -18.87 -0.90 -28.78
N LYS D 117 -17.67 -1.19 -28.29
CA LYS D 117 -16.47 -1.34 -29.14
C LYS D 117 -16.71 -2.43 -30.19
N GLU D 118 -16.31 -2.20 -31.44
CA GLU D 118 -16.44 -3.20 -32.53
C GLU D 118 -15.44 -2.84 -33.64
N GLY D 119 -14.59 -3.79 -34.02
CA GLY D 119 -13.52 -3.57 -35.01
C GLY D 119 -12.70 -2.35 -34.64
N GLU D 120 -12.59 -1.40 -35.56
CA GLU D 120 -11.75 -0.17 -35.45
C GLU D 120 -12.53 0.97 -34.80
N GLY D 121 -13.78 0.75 -34.39
CA GLY D 121 -14.62 1.79 -33.79
C GLY D 121 -15.67 1.22 -32.89
N TYR D 122 -16.90 1.68 -33.09
CA TYR D 122 -18.05 1.42 -32.22
C TYR D 122 -19.26 1.11 -33.08
N LYS D 123 -20.16 0.35 -32.49
CA LYS D 123 -21.50 0.05 -33.02
C LYS D 123 -22.53 0.57 -32.03
N ILE D 124 -23.74 0.76 -32.54
CA ILE D 124 -24.90 1.08 -31.68
C ILE D 124 -25.64 -0.23 -31.48
N VAL D 125 -25.98 -0.52 -30.22
CA VAL D 125 -26.69 -1.75 -29.81
C VAL D 125 -27.99 -1.32 -29.13
N TYR D 126 -29.08 -1.98 -29.53
CA TYR D 126 -30.45 -1.70 -29.09
C TYR D 126 -30.89 -2.79 -28.11
N TYR D 127 -31.41 -2.36 -26.97
CA TYR D 127 -31.89 -3.21 -25.85
C TYR D 127 -33.38 -2.97 -25.66
N PRO D 128 -34.24 -3.74 -26.37
CA PRO D 128 -35.70 -3.60 -26.24
C PRO D 128 -36.15 -3.93 -24.80
N GLU D 129 -35.51 -4.92 -24.19
CA GLU D 129 -35.59 -5.26 -22.74
C GLU D 129 -34.17 -5.23 -22.19
N ARG D 130 -33.98 -4.42 -21.15
CA ARG D 130 -32.66 -3.90 -20.70
C ARG D 130 -31.81 -5.05 -20.15
N GLY D 131 -32.40 -5.98 -19.38
CA GLY D 131 -31.69 -7.14 -18.76
C GLY D 131 -31.46 -8.28 -19.73
N GLN D 132 -32.11 -8.25 -20.91
CA GLN D 132 -31.96 -9.26 -21.99
C GLN D 132 -30.84 -8.82 -22.94
N THR D 133 -30.58 -9.62 -23.97
CA THR D 133 -29.49 -9.43 -24.96
C THR D 133 -29.78 -8.15 -25.76
N GLY D 134 -28.71 -7.49 -26.24
CA GLY D 134 -28.84 -6.36 -27.19
C GLY D 134 -28.92 -6.85 -28.62
N LEU D 135 -29.33 -5.98 -29.54
CA LEU D 135 -29.40 -6.29 -30.99
C LEU D 135 -28.57 -5.22 -31.72
N ASP D 136 -27.62 -5.65 -32.55
CA ASP D 136 -26.80 -4.69 -33.34
C ASP D 136 -27.70 -3.83 -34.22
N ILE D 137 -27.36 -2.55 -34.35
CA ILE D 137 -27.91 -1.66 -35.41
C ILE D 137 -27.03 -1.79 -36.64
N GLY D 138 -27.66 -2.14 -37.77
CA GLY D 138 -27.04 -2.23 -39.10
C GLY D 138 -27.80 -1.38 -40.10
N LEU D 139 -27.69 -1.74 -41.38
CA LEU D 139 -28.16 -0.89 -42.50
C LEU D 139 -29.01 -1.76 -43.43
N VAL D 140 -30.11 -1.19 -43.90
CA VAL D 140 -30.95 -1.74 -44.99
C VAL D 140 -30.90 -0.72 -46.13
N HIS D 141 -30.30 -1.12 -47.25
CA HIS D 141 -30.13 -0.34 -48.49
C HIS D 141 -31.47 -0.28 -49.26
N ARG D 142 -31.99 0.92 -49.49
CA ARG D 142 -33.22 1.21 -50.28
C ARG D 142 -33.19 2.68 -50.70
N ASN D 143 -33.76 3.00 -51.87
CA ASN D 143 -34.04 4.41 -52.27
C ASN D 143 -32.76 5.24 -52.23
N ASP D 144 -31.60 4.67 -52.61
CA ASP D 144 -30.26 5.34 -52.66
C ASP D 144 -29.72 5.68 -51.26
N LYS D 145 -30.38 5.23 -50.17
CA LYS D 145 -29.96 5.53 -48.77
C LYS D 145 -29.76 4.18 -48.03
N TYR D 146 -29.03 4.23 -46.93
CA TYR D 146 -28.86 3.11 -45.97
C TYR D 146 -29.68 3.42 -44.72
N TYR D 147 -30.82 2.76 -44.56
CA TYR D 147 -31.70 3.00 -43.39
C TYR D 147 -31.06 2.31 -42.19
N LEU D 148 -30.88 3.03 -41.09
CA LEU D 148 -30.43 2.39 -39.84
C LEU D 148 -31.60 1.51 -39.37
N ALA D 149 -31.26 0.27 -39.00
CA ALA D 149 -32.24 -0.75 -38.60
C ALA D 149 -31.59 -1.83 -37.73
N VAL D 150 -32.40 -2.56 -36.97
CA VAL D 150 -31.91 -3.73 -36.21
C VAL D 150 -31.47 -4.77 -37.25
N LYS D 151 -30.22 -5.20 -37.18
CA LYS D 151 -29.64 -6.22 -38.08
C LYS D 151 -28.60 -6.98 -37.27
N ASP D 152 -29.11 -7.84 -36.39
CA ASP D 152 -28.29 -8.48 -35.36
C ASP D 152 -27.19 -9.30 -36.03
N GLY D 153 -25.95 -9.10 -35.59
CA GLY D 153 -24.78 -9.80 -36.15
C GLY D 153 -24.16 -9.06 -37.31
N GLU D 154 -24.80 -8.01 -37.83
CA GLU D 154 -24.28 -7.20 -38.97
C GLU D 154 -24.25 -5.72 -38.61
N PRO D 155 -23.44 -5.33 -37.59
CA PRO D 155 -23.47 -3.95 -37.10
C PRO D 155 -22.85 -2.98 -38.12
N CYS D 156 -23.37 -1.75 -38.21
CA CYS D 156 -22.64 -0.63 -38.84
C CYS D 156 -21.58 -0.13 -37.87
N VAL D 157 -20.31 -0.12 -38.30
CA VAL D 157 -19.16 0.30 -37.43
C VAL D 157 -18.88 1.78 -37.73
N PHE D 158 -18.77 2.58 -36.67
CA PHE D 158 -18.59 4.05 -36.70
C PHE D 158 -17.33 4.42 -35.92
N LYS D 159 -16.67 5.50 -36.33
CA LYS D 159 -15.75 6.28 -35.48
C LYS D 159 -16.51 7.52 -35.04
N ILE D 160 -16.15 8.06 -33.89
CA ILE D 160 -16.94 9.15 -33.26
C ILE D 160 -16.11 10.43 -33.29
N ARG D 161 -16.52 11.42 -34.09
CA ARG D 161 -15.70 12.62 -34.33
C ARG D 161 -16.35 13.85 -33.71
N LYS D 162 -15.69 14.45 -32.73
CA LYS D 162 -16.28 15.62 -32.05
C LYS D 162 -16.54 16.73 -33.09
N ALA D 163 -17.72 17.34 -33.01
CA ALA D 163 -18.10 18.52 -33.83
C ALA D 163 -17.50 19.76 -33.15
N THR D 164 -16.63 20.49 -33.85
CA THR D 164 -15.99 21.72 -33.31
C THR D 164 -15.92 22.77 -34.43
N CYS E 1 5.05 -16.24 -7.48
CA CYS E 1 5.86 -16.20 -6.24
C CYS E 1 5.68 -17.50 -5.46
N GLY E 2 6.72 -17.86 -4.71
CA GLY E 2 6.62 -18.87 -3.65
C GLY E 2 6.57 -20.30 -4.17
N VAL E 3 6.81 -20.53 -5.47
CA VAL E 3 6.83 -21.91 -6.05
C VAL E 3 8.18 -22.15 -6.72
N PRO E 4 9.20 -22.58 -5.96
CA PRO E 4 10.54 -22.80 -6.52
C PRO E 4 10.51 -23.77 -7.72
N ALA E 5 11.21 -23.39 -8.79
CA ALA E 5 11.44 -24.26 -9.96
C ALA E 5 12.11 -25.56 -9.52
N ILE E 6 12.98 -25.49 -8.50
CA ILE E 6 13.65 -26.66 -7.88
C ILE E 6 13.03 -26.88 -6.51
N GLN E 7 12.18 -27.90 -6.38
CA GLN E 7 11.36 -28.04 -5.16
C GLN E 7 12.23 -28.39 -3.98
N PRO E 8 12.06 -27.72 -2.83
CA PRO E 8 12.82 -28.04 -1.65
C PRO E 8 12.43 -29.41 -1.12
N VAL E 9 13.40 -30.08 -0.50
CA VAL E 9 13.20 -31.40 0.16
C VAL E 9 13.54 -31.25 1.64
N LEU E 10 12.56 -31.52 2.50
CA LEU E 10 12.68 -31.31 3.97
C LEU E 10 12.43 -32.63 4.70
N SER E 11 13.33 -32.98 5.63
CA SER E 11 13.15 -34.13 6.56
C SER E 11 11.89 -33.88 7.39
N GLY E 12 11.07 -34.94 7.58
CA GLY E 12 9.73 -34.86 8.21
C GLY E 12 8.71 -34.36 7.20
N ILE F 1 22.10 -21.70 11.26
CA ILE F 1 21.06 -22.66 11.79
C ILE F 1 21.74 -23.85 12.50
N VAL F 2 21.44 -24.04 13.79
CA VAL F 2 21.86 -25.23 14.59
C VAL F 2 20.81 -26.35 14.42
N ASN F 3 21.28 -27.56 14.08
N ASN F 3 21.31 -27.56 14.11
CA ASN F 3 20.45 -28.78 13.93
CA ASN F 3 20.62 -28.86 13.81
C ASN F 3 19.58 -28.67 12.67
C ASN F 3 19.63 -28.70 12.67
N GLY F 4 20.00 -27.90 11.66
CA GLY F 4 19.34 -27.87 10.36
C GLY F 4 19.91 -28.95 9.47
N GLU F 5 19.70 -28.81 8.17
CA GLU F 5 20.27 -29.72 7.15
C GLU F 5 20.63 -28.91 5.92
N GLU F 6 21.49 -29.44 5.08
CA GLU F 6 21.82 -28.79 3.79
C GLU F 6 20.57 -28.76 2.91
N ALA F 7 20.23 -27.60 2.35
CA ALA F 7 19.19 -27.42 1.33
C ALA F 7 19.58 -28.12 0.03
N VAL F 8 18.57 -28.45 -0.77
CA VAL F 8 18.72 -28.80 -2.19
C VAL F 8 19.19 -27.53 -2.88
N PRO F 9 20.33 -27.56 -3.63
CA PRO F 9 20.82 -26.35 -4.30
C PRO F 9 19.74 -25.68 -5.14
N GLY F 10 19.56 -24.36 -4.91
CA GLY F 10 18.64 -23.51 -5.68
C GLY F 10 17.19 -23.66 -5.28
N SER F 11 16.88 -24.39 -4.19
CA SER F 11 15.49 -24.74 -3.80
C SER F 11 14.82 -23.65 -2.94
N TRP F 12 15.55 -22.61 -2.58
CA TRP F 12 15.04 -21.43 -1.83
C TRP F 12 15.45 -20.20 -2.62
N PRO F 13 14.91 -20.02 -3.83
CA PRO F 13 15.50 -19.09 -4.79
C PRO F 13 15.37 -17.59 -4.46
N TRP F 14 14.60 -17.27 -3.41
CA TRP F 14 14.47 -15.89 -2.91
C TRP F 14 15.60 -15.57 -1.94
N GLN F 15 16.31 -16.57 -1.41
CA GLN F 15 17.30 -16.36 -0.33
C GLN F 15 18.48 -15.60 -0.94
N VAL F 16 18.84 -14.46 -0.35
CA VAL F 16 20.02 -13.68 -0.80
C VAL F 16 20.97 -13.60 0.38
N SER F 17 22.24 -13.37 0.07
CA SER F 17 23.30 -13.05 1.04
C SER F 17 23.59 -11.55 0.94
N LEU F 18 23.58 -10.83 2.04
CA LEU F 18 24.01 -9.43 2.10
C LEU F 18 25.50 -9.42 2.47
N GLN F 19 26.32 -8.85 1.59
CA GLN F 19 27.79 -8.85 1.76
C GLN F 19 28.25 -7.40 1.81
N ASP F 20 29.26 -7.12 2.61
CA ASP F 20 29.83 -5.77 2.49
C ASP F 20 30.73 -5.73 1.25
N LYS F 21 31.28 -4.56 0.96
CA LYS F 21 32.07 -4.37 -0.28
C LYS F 21 33.35 -5.25 -0.25
N THR F 22 33.79 -5.78 0.90
CA THR F 22 35.05 -6.58 1.00
C THR F 22 34.75 -8.08 0.86
N GLY F 23 33.46 -8.43 0.72
CA GLY F 23 32.98 -9.81 0.48
C GLY F 23 32.45 -10.55 1.69
N PHE F 24 32.42 -9.99 2.90
N PHE F 24 32.31 -9.89 2.83
CA PHE F 24 31.97 -10.81 4.06
CA PHE F 24 31.92 -10.51 4.13
C PHE F 24 30.44 -10.73 4.17
C PHE F 24 30.39 -10.67 4.18
N HIS F 25 29.86 -11.91 4.28
CA HIS F 25 28.41 -12.15 4.55
C HIS F 25 28.09 -11.67 5.96
N PHE F 26 27.12 -10.78 6.14
CA PHE F 26 26.67 -10.41 7.51
C PHE F 26 25.16 -10.58 7.73
N CYS F 27 24.35 -10.78 6.70
CA CYS F 27 22.87 -10.91 6.88
C CYS F 27 22.27 -11.64 5.70
N GLY F 28 21.13 -12.28 5.92
CA GLY F 28 20.28 -12.81 4.84
C GLY F 28 19.24 -11.79 4.41
N GLY F 29 18.50 -12.14 3.38
CA GLY F 29 17.37 -11.35 2.85
C GLY F 29 16.51 -12.24 1.97
N SER F 30 15.36 -11.75 1.54
CA SER F 30 14.46 -12.48 0.61
C SER F 30 14.06 -11.53 -0.52
N LEU F 31 14.21 -11.97 -1.77
CA LEU F 31 13.65 -11.23 -2.91
C LEU F 31 12.11 -11.33 -2.84
N ILE F 32 11.43 -10.20 -3.02
CA ILE F 32 9.97 -10.16 -3.10
C ILE F 32 9.52 -9.80 -4.51
N ASN F 33 10.48 -9.42 -5.38
CA ASN F 33 10.25 -9.17 -6.83
C ASN F 33 11.63 -8.87 -7.42
N GLU F 34 11.69 -8.50 -8.70
CA GLU F 34 13.01 -8.33 -9.39
C GLU F 34 13.79 -7.13 -8.85
N ASN F 35 13.11 -6.21 -8.15
CA ASN F 35 13.72 -4.91 -7.79
C ASN F 35 13.86 -4.73 -6.27
N TRP F 36 13.36 -5.64 -5.44
CA TRP F 36 13.24 -5.38 -3.98
C TRP F 36 13.62 -6.60 -3.15
N VAL F 37 14.37 -6.36 -2.08
CA VAL F 37 14.74 -7.37 -1.07
C VAL F 37 14.22 -6.94 0.30
N VAL F 38 13.68 -7.88 1.06
CA VAL F 38 13.22 -7.66 2.46
C VAL F 38 14.29 -8.24 3.39
N THR F 39 14.74 -7.44 4.36
CA THR F 39 15.75 -7.91 5.34
C THR F 39 15.38 -7.34 6.72
N ALA F 40 16.24 -7.57 7.69
CA ALA F 40 16.05 -7.01 9.06
C ALA F 40 16.64 -5.60 9.18
N ALA F 41 15.97 -4.73 9.90
CA ALA F 41 16.44 -3.35 10.17
C ALA F 41 17.75 -3.36 10.94
N HIS F 42 17.98 -4.28 11.87
CA HIS F 42 19.20 -4.28 12.72
C HIS F 42 20.42 -4.59 11.89
N CYS F 43 20.26 -5.17 10.70
CA CYS F 43 21.42 -5.46 9.80
C CYS F 43 22.15 -4.16 9.42
N GLY F 44 21.45 -3.03 9.37
CA GLY F 44 22.04 -1.72 9.08
C GLY F 44 22.67 -1.69 7.70
N VAL F 45 22.00 -2.29 6.72
CA VAL F 45 22.46 -2.33 5.31
C VAL F 45 22.63 -0.89 4.78
N THR F 46 23.67 -0.64 3.99
CA THR F 46 23.90 0.64 3.28
C THR F 46 24.00 0.37 1.77
N THR F 47 23.99 1.43 0.99
CA THR F 47 24.14 1.36 -0.48
C THR F 47 25.53 0.88 -0.91
N SER F 48 26.49 0.69 0.01
CA SER F 48 27.84 0.09 -0.31
C SER F 48 27.83 -1.42 -0.18
N ASP F 49 26.80 -1.96 0.46
CA ASP F 49 26.63 -3.43 0.58
C ASP F 49 26.09 -3.98 -0.75
N VAL F 50 26.22 -5.30 -0.91
CA VAL F 50 25.94 -6.02 -2.18
C VAL F 50 24.92 -7.12 -1.89
N VAL F 51 23.91 -7.24 -2.72
CA VAL F 51 22.94 -8.36 -2.62
C VAL F 51 23.43 -9.48 -3.53
N VAL F 52 23.68 -10.65 -2.97
CA VAL F 52 24.15 -11.81 -3.78
C VAL F 52 22.98 -12.77 -3.91
N ALA F 53 22.54 -12.96 -5.15
CA ALA F 53 21.39 -13.83 -5.49
C ALA F 53 21.92 -15.08 -6.20
N GLY F 54 21.25 -16.21 -5.99
CA GLY F 54 21.50 -17.47 -6.74
C GLY F 54 22.59 -18.31 -6.12
N GLU F 55 22.95 -18.03 -4.86
CA GLU F 55 24.08 -18.69 -4.17
C GLU F 55 23.60 -19.96 -3.48
N PHE F 56 24.40 -21.03 -3.52
CA PHE F 56 24.18 -22.23 -2.68
C PHE F 56 25.42 -22.39 -1.80
N ASP F 57 26.59 -22.57 -2.44
CA ASP F 57 27.87 -22.82 -1.77
C ASP F 57 28.72 -21.53 -1.81
N GLN F 58 28.89 -20.89 -0.67
CA GLN F 58 29.63 -19.61 -0.55
C GLN F 58 31.14 -19.84 -0.82
N GLY F 59 31.60 -21.06 -0.81
CA GLY F 59 33.00 -21.39 -1.17
C GLY F 59 33.16 -21.66 -2.67
N SER F 60 32.09 -21.78 -3.46
CA SER F 60 32.19 -22.08 -4.92
C SER F 60 32.63 -20.83 -5.68
N SER F 61 33.42 -21.02 -6.75
CA SER F 61 33.75 -19.91 -7.68
C SER F 61 33.07 -20.15 -9.03
N SER F 62 32.13 -21.10 -9.14
CA SER F 62 31.58 -21.55 -10.43
C SER F 62 30.05 -21.47 -10.48
N GLU F 63 29.36 -21.07 -9.41
CA GLU F 63 27.88 -20.87 -9.45
C GLU F 63 27.55 -19.64 -10.28
N LYS F 64 26.36 -19.65 -10.86
CA LYS F 64 25.83 -18.52 -11.68
C LYS F 64 25.16 -17.57 -10.70
N ILE F 65 25.92 -16.67 -10.11
CA ILE F 65 25.36 -15.77 -9.08
C ILE F 65 25.17 -14.41 -9.73
N GLN F 66 24.32 -13.61 -9.10
CA GLN F 66 24.11 -12.21 -9.49
C GLN F 66 24.53 -11.35 -8.31
N LYS F 67 25.47 -10.43 -8.52
CA LYS F 67 25.89 -9.42 -7.50
C LYS F 67 25.19 -8.11 -7.81
N LEU F 68 24.17 -7.79 -7.04
CA LEU F 68 23.22 -6.70 -7.32
C LEU F 68 23.54 -5.54 -6.37
N LYS F 69 23.71 -4.36 -6.95
CA LYS F 69 23.92 -3.12 -6.18
C LYS F 69 22.60 -2.61 -5.61
N ILE F 70 22.73 -1.79 -4.58
CA ILE F 70 21.58 -1.24 -3.83
C ILE F 70 21.46 0.23 -4.19
N ALA F 71 20.31 0.63 -4.72
CA ALA F 71 20.04 2.05 -5.04
C ALA F 71 19.67 2.82 -3.78
N LYS F 72 18.84 2.24 -2.92
CA LYS F 72 18.32 2.97 -1.75
C LYS F 72 17.87 1.98 -0.69
N VAL F 73 18.07 2.38 0.57
CA VAL F 73 17.69 1.60 1.77
C VAL F 73 16.47 2.27 2.41
N PHE F 74 15.43 1.49 2.67
CA PHE F 74 14.19 1.98 3.35
C PHE F 74 14.02 1.23 4.67
N LYS F 75 14.61 1.78 5.73
CA LYS F 75 14.48 1.27 7.11
C LYS F 75 13.08 1.62 7.66
N ASN F 76 12.37 0.68 8.26
CA ASN F 76 11.02 1.00 8.82
C ASN F 76 11.20 2.10 9.88
N SER F 77 10.51 3.23 9.73
CA SER F 77 10.69 4.39 10.66
C SER F 77 10.31 4.01 12.08
N LYS F 78 9.47 2.98 12.27
CA LYS F 78 9.03 2.55 13.62
C LYS F 78 10.01 1.58 14.24
N TYR F 79 11.09 1.20 13.55
CA TYR F 79 12.08 0.29 14.14
C TYR F 79 12.55 0.89 15.48
N ASN F 80 12.57 0.06 16.52
CA ASN F 80 12.96 0.47 17.88
C ASN F 80 14.22 -0.31 18.25
N SER F 81 15.37 0.35 18.32
CA SER F 81 16.67 -0.33 18.61
C SER F 81 16.76 -0.82 20.07
N LEU F 82 15.87 -0.37 20.96
CA LEU F 82 15.90 -0.84 22.38
C LEU F 82 15.10 -2.13 22.52
N THR F 83 13.95 -2.22 21.85
CA THR F 83 13.06 -3.40 21.92
C THR F 83 13.27 -4.36 20.73
N ILE F 84 13.97 -3.92 19.70
CA ILE F 84 14.13 -4.69 18.42
C ILE F 84 12.76 -4.93 17.76
N ASN F 85 11.78 -4.06 18.00
CA ASN F 85 10.42 -4.20 17.43
C ASN F 85 10.36 -3.53 16.05
N ASN F 86 9.55 -4.07 15.14
CA ASN F 86 9.39 -3.55 13.77
C ASN F 86 10.73 -3.70 13.02
N ASP F 87 11.34 -4.89 13.13
CA ASP F 87 12.71 -5.17 12.63
C ASP F 87 12.69 -5.48 11.13
N ILE F 88 12.45 -4.47 10.29
CA ILE F 88 12.32 -4.73 8.82
C ILE F 88 12.91 -3.56 8.05
N THR F 89 13.65 -3.88 7.00
CA THR F 89 14.19 -2.91 6.03
C THR F 89 13.91 -3.47 4.63
N LEU F 90 13.59 -2.57 3.71
CA LEU F 90 13.51 -2.85 2.25
C LEU F 90 14.73 -2.30 1.54
N LEU F 91 15.27 -3.10 0.60
CA LEU F 91 16.41 -2.67 -0.26
C LEU F 91 15.84 -2.54 -1.65
N LYS F 92 15.96 -1.36 -2.25
CA LYS F 92 15.61 -1.16 -3.67
C LYS F 92 16.89 -1.34 -4.49
N LEU F 93 16.89 -2.33 -5.40
CA LEU F 93 18.10 -2.75 -6.14
C LEU F 93 18.31 -1.72 -7.26
N SER F 94 19.55 -1.41 -7.60
CA SER F 94 19.80 -0.45 -8.69
C SER F 94 19.80 -1.15 -10.04
N THR F 95 20.05 -2.46 -10.06
CA THR F 95 19.81 -3.32 -11.25
C THR F 95 18.92 -4.46 -10.82
N ALA F 96 17.90 -4.68 -11.60
CA ALA F 96 16.90 -5.76 -11.45
C ALA F 96 17.61 -7.11 -11.42
N ALA F 97 17.18 -8.01 -10.53
CA ALA F 97 17.55 -9.44 -10.62
C ALA F 97 16.96 -10.00 -11.91
N SER F 98 17.70 -10.91 -12.57
CA SER F 98 17.18 -11.78 -13.67
C SER F 98 16.62 -13.05 -13.08
N PHE F 99 15.30 -13.20 -13.04
CA PHE F 99 14.68 -14.39 -12.43
C PHE F 99 14.98 -15.61 -13.32
N SER F 100 15.20 -16.73 -12.66
CA SER F 100 15.68 -17.99 -13.30
C SER F 100 15.18 -19.15 -12.44
N GLN F 101 15.62 -20.38 -12.75
CA GLN F 101 15.35 -21.54 -11.88
C GLN F 101 15.80 -21.25 -10.44
N THR F 102 16.95 -20.58 -10.25
CA THR F 102 17.61 -20.46 -8.91
C THR F 102 17.39 -19.07 -8.28
N VAL F 103 16.79 -18.11 -9.01
CA VAL F 103 16.52 -16.74 -8.52
C VAL F 103 15.07 -16.36 -8.79
N SER F 104 14.29 -16.14 -7.74
CA SER F 104 12.83 -15.83 -7.86
C SER F 104 12.29 -15.37 -6.51
N ALA F 105 11.00 -15.00 -6.46
CA ALA F 105 10.43 -14.23 -5.34
C ALA F 105 9.69 -15.14 -4.37
N VAL F 106 9.72 -14.76 -3.09
CA VAL F 106 8.83 -15.34 -2.05
C VAL F 106 7.48 -14.59 -2.14
N CYS F 107 6.37 -15.22 -1.77
CA CYS F 107 5.07 -14.52 -1.65
C CYS F 107 5.01 -13.71 -0.37
N LEU F 108 4.31 -12.58 -0.39
CA LEU F 108 3.99 -11.78 0.83
C LEU F 108 2.59 -12.13 1.29
N PRO F 109 2.36 -12.17 2.61
CA PRO F 109 1.02 -12.40 3.14
C PRO F 109 0.14 -11.16 3.00
N SER F 110 -1.15 -11.35 3.20
CA SER F 110 -2.10 -10.26 3.53
C SER F 110 -1.95 -9.94 5.01
N ALA F 111 -2.28 -8.72 5.38
CA ALA F 111 -2.21 -8.27 6.79
C ALA F 111 -3.15 -9.12 7.68
N SER F 112 -4.23 -9.64 7.09
CA SER F 112 -5.29 -10.42 7.80
C SER F 112 -4.93 -11.89 7.92
N ASP F 113 -3.87 -12.39 7.27
CA ASP F 113 -3.60 -13.84 7.21
C ASP F 113 -3.32 -14.41 8.61
N ASP F 114 -3.79 -15.63 8.87
CA ASP F 114 -3.57 -16.33 10.14
C ASP F 114 -2.60 -17.47 9.89
N PHE F 115 -1.44 -17.41 10.53
CA PHE F 115 -0.45 -18.52 10.52
C PHE F 115 -0.50 -19.12 11.91
N ALA F 116 -1.27 -20.20 12.08
CA ALA F 116 -1.66 -20.72 13.40
C ALA F 116 -0.44 -21.20 14.19
N ALA F 117 -0.45 -20.97 15.49
CA ALA F 117 0.52 -21.61 16.41
C ALA F 117 0.53 -23.10 16.11
N GLY F 118 1.71 -23.72 16.04
CA GLY F 118 1.86 -25.16 15.81
C GLY F 118 2.16 -25.50 14.35
N THR F 119 1.87 -24.60 13.42
CA THR F 119 2.18 -24.77 11.98
C THR F 119 3.67 -25.06 11.81
N THR F 120 4.01 -26.03 10.97
CA THR F 120 5.42 -26.32 10.65
C THR F 120 5.88 -25.38 9.54
N CYS F 121 6.80 -24.49 9.84
CA CYS F 121 7.38 -23.56 8.84
C CYS F 121 8.86 -23.87 8.63
N VAL F 122 9.50 -23.08 7.77
CA VAL F 122 10.92 -23.34 7.42
C VAL F 122 11.68 -22.03 7.54
N THR F 123 12.90 -22.12 8.08
CA THR F 123 13.87 -21.02 8.03
C THR F 123 15.14 -21.49 7.30
N THR F 124 15.79 -20.56 6.62
CA THR F 124 16.99 -20.87 5.80
C THR F 124 18.07 -19.81 6.07
N GLY F 125 19.32 -20.18 5.83
CA GLY F 125 20.44 -19.25 5.95
C GLY F 125 21.80 -19.93 6.02
N TRP F 126 22.83 -19.11 6.01
CA TRP F 126 24.26 -19.48 6.23
C TRP F 126 24.75 -19.06 7.62
N GLY F 127 23.86 -18.92 8.62
CA GLY F 127 24.30 -18.66 10.02
C GLY F 127 25.07 -19.83 10.60
N LEU F 128 25.70 -19.61 11.75
CA LEU F 128 26.52 -20.66 12.41
C LEU F 128 25.69 -21.93 12.54
N THR F 129 26.31 -23.10 12.37
CA THR F 129 25.67 -24.42 12.63
C THR F 129 26.06 -24.92 14.03
N ARG F 130 27.02 -24.27 14.67
CA ARG F 130 27.42 -24.49 16.08
C ARG F 130 27.86 -23.15 16.66
N TYR F 131 27.40 -22.84 17.87
CA TYR F 131 27.83 -21.64 18.61
C TYR F 131 29.18 -21.93 19.27
N ALA G 1 33.09 -22.28 16.90
CA ALA G 1 31.80 -22.16 16.13
C ALA G 1 32.05 -22.45 14.64
N ASN G 2 31.04 -23.00 14.00
CA ASN G 2 31.10 -23.51 12.60
C ASN G 2 30.22 -22.63 11.69
N THR G 3 30.79 -22.01 10.68
CA THR G 3 30.06 -21.23 9.65
C THR G 3 29.93 -22.11 8.41
N PRO G 4 28.71 -22.46 7.93
CA PRO G 4 28.60 -23.35 6.78
C PRO G 4 28.81 -22.63 5.44
N ASP G 5 29.52 -23.25 4.51
CA ASP G 5 29.61 -22.82 3.09
C ASP G 5 28.25 -23.01 2.41
N ARG G 6 27.53 -24.09 2.74
CA ARG G 6 26.33 -24.47 1.96
C ARG G 6 25.04 -24.04 2.68
N LEU G 7 24.08 -23.50 1.94
CA LEU G 7 22.80 -22.99 2.52
C LEU G 7 22.16 -24.08 3.39
N GLN G 8 21.78 -23.74 4.61
CA GLN G 8 21.05 -24.65 5.55
C GLN G 8 19.56 -24.30 5.60
N GLN G 9 18.76 -25.28 6.01
CA GLN G 9 17.30 -25.11 6.22
C GLN G 9 16.95 -25.89 7.50
N ALA G 10 15.91 -25.48 8.19
CA ALA G 10 15.33 -26.29 9.26
C ALA G 10 13.82 -26.10 9.27
N SER G 11 13.10 -27.19 9.55
CA SER G 11 11.65 -27.13 9.86
C SER G 11 11.50 -26.82 11.34
N LEU G 12 10.51 -25.99 11.68
CA LEU G 12 10.28 -25.58 13.09
C LEU G 12 8.86 -25.03 13.26
N PRO G 13 8.26 -25.19 14.45
CA PRO G 13 6.85 -24.78 14.61
C PRO G 13 6.72 -23.33 15.05
N LEU G 14 5.65 -22.67 14.63
CA LEU G 14 5.28 -21.36 15.16
C LEU G 14 4.77 -21.52 16.60
N LEU G 15 4.98 -20.52 17.41
CA LEU G 15 4.38 -20.39 18.77
C LEU G 15 3.34 -19.27 18.76
N SER G 16 2.42 -19.29 19.73
CA SER G 16 1.60 -18.12 20.06
C SER G 16 2.46 -17.11 20.80
N ASN G 17 2.13 -15.82 20.74
CA ASN G 17 2.88 -14.78 21.48
C ASN G 17 2.73 -15.07 22.99
N THR G 18 1.55 -15.50 23.43
CA THR G 18 1.34 -15.79 24.88
C THR G 18 2.30 -16.91 25.30
N ASN G 19 2.43 -17.99 24.56
CA ASN G 19 3.36 -19.10 24.91
CA ASN G 19 3.36 -19.08 24.93
C ASN G 19 4.82 -18.60 24.82
N CYS G 20 5.11 -17.71 23.88
CA CYS G 20 6.51 -17.19 23.71
C CYS G 20 6.92 -16.40 24.94
N LYS G 21 5.98 -15.70 25.59
CA LYS G 21 6.26 -14.91 26.82
C LYS G 21 6.80 -15.81 27.94
N LYS G 22 6.50 -17.11 27.95
CA LYS G 22 7.10 -18.09 28.89
C LYS G 22 8.64 -17.98 28.84
N TYR G 23 9.18 -17.77 27.65
CA TYR G 23 10.65 -17.78 27.42
C TYR G 23 11.23 -16.36 27.51
N TRP G 24 10.56 -15.36 26.97
CA TRP G 24 11.18 -14.02 26.73
C TRP G 24 10.43 -12.90 27.43
N GLY G 25 9.31 -13.20 28.08
CA GLY G 25 8.52 -12.22 28.83
C GLY G 25 8.02 -11.05 28.00
N THR G 26 8.11 -9.87 28.56
CA THR G 26 7.57 -8.61 27.98
C THR G 26 8.39 -8.18 26.77
N LYS G 27 9.48 -8.87 26.45
CA LYS G 27 10.27 -8.54 25.21
C LYS G 27 9.41 -8.85 23.97
N ILE G 28 8.44 -9.75 24.09
CA ILE G 28 7.63 -10.19 22.90
C ILE G 28 6.51 -9.19 22.60
N LYS G 29 6.60 -8.49 21.46
CA LYS G 29 5.63 -7.47 21.02
C LYS G 29 4.72 -8.01 19.91
N ASP G 30 3.67 -7.26 19.59
CA ASP G 30 2.68 -7.67 18.58
C ASP G 30 3.36 -7.91 17.21
N ALA G 31 4.40 -7.13 16.86
CA ALA G 31 5.08 -7.22 15.55
C ALA G 31 6.23 -8.25 15.57
N MET G 32 6.20 -9.16 16.53
CA MET G 32 7.09 -10.33 16.58
C MET G 32 6.29 -11.62 16.52
N ILE G 33 6.90 -12.65 15.96
CA ILE G 33 6.39 -14.05 15.95
C ILE G 33 7.56 -14.97 16.35
N CYS G 34 7.30 -15.88 17.29
CA CYS G 34 8.30 -16.86 17.77
C CYS G 34 8.14 -18.19 17.06
N ALA G 35 9.24 -18.87 16.84
CA ALA G 35 9.26 -20.21 16.20
C ALA G 35 10.43 -21.01 16.72
N GLY G 36 10.25 -22.32 16.86
CA GLY G 36 11.34 -23.22 17.28
C GLY G 36 11.18 -23.72 18.72
N ALA G 37 12.23 -23.59 19.54
CA ALA G 37 12.41 -24.29 20.86
C ALA G 37 12.26 -25.80 20.70
N SER G 38 12.45 -26.32 19.50
CA SER G 38 12.03 -27.67 19.06
C SER G 38 13.27 -28.52 18.76
N GLY G 39 14.47 -28.12 19.20
CA GLY G 39 15.74 -28.82 18.86
C GLY G 39 16.52 -28.14 17.74
N VAL G 40 15.99 -27.07 17.15
CA VAL G 40 16.69 -26.33 16.07
C VAL G 40 16.73 -24.86 16.49
N SER G 41 17.67 -24.11 15.95
CA SER G 41 17.77 -22.66 16.22
C SER G 41 18.31 -21.91 15.00
N SER G 42 17.74 -20.74 14.71
CA SER G 42 18.40 -19.68 13.91
C SER G 42 19.67 -19.30 14.71
N CYS G 43 20.73 -18.86 14.04
CA CYS G 43 21.99 -18.49 14.73
C CYS G 43 22.71 -17.38 13.97
N MET G 44 23.87 -16.96 14.48
CA MET G 44 24.56 -15.71 14.05
C MET G 44 24.89 -15.83 12.56
N GLY G 45 24.40 -14.86 11.78
CA GLY G 45 24.56 -14.86 10.32
C GLY G 45 23.27 -15.23 9.60
N ASP G 46 22.23 -15.71 10.32
CA ASP G 46 20.89 -15.96 9.74
C ASP G 46 20.03 -14.70 9.69
N SER G 47 20.32 -13.69 10.56
CA SER G 47 19.59 -12.41 10.66
C SER G 47 19.17 -11.89 9.28
N GLY G 48 17.93 -11.45 9.13
CA GLY G 48 17.44 -10.81 7.89
C GLY G 48 16.89 -11.83 6.90
N GLY G 49 17.21 -13.11 7.08
CA GLY G 49 16.70 -14.18 6.22
C GLY G 49 15.23 -14.53 6.53
N PRO G 50 14.66 -15.46 5.75
CA PRO G 50 13.25 -15.82 5.85
C PRO G 50 12.84 -16.92 6.83
N LEU G 51 11.63 -16.75 7.34
CA LEU G 51 10.77 -17.81 7.92
C LEU G 51 9.55 -17.88 6.99
N VAL G 52 9.38 -19.02 6.32
CA VAL G 52 8.31 -19.19 5.31
C VAL G 52 7.38 -20.32 5.75
N CYS G 53 6.09 -20.13 5.45
CA CYS G 53 5.02 -21.12 5.69
C CYS G 53 4.24 -21.26 4.40
N LYS G 54 3.73 -22.44 4.11
CA LYS G 54 2.87 -22.62 2.92
C LYS G 54 1.50 -21.99 3.15
N LYS G 55 1.03 -21.24 2.18
CA LYS G 55 -0.35 -20.71 2.11
C LYS G 55 -0.87 -21.01 0.71
N ASN G 56 -1.95 -21.77 0.59
CA ASN G 56 -2.51 -22.15 -0.74
C ASN G 56 -1.38 -22.70 -1.61
N GLY G 57 -0.53 -23.55 -1.05
CA GLY G 57 0.54 -24.26 -1.78
C GLY G 57 1.76 -23.41 -2.13
N ALA G 58 1.79 -22.12 -1.77
CA ALA G 58 2.94 -21.23 -2.12
C ALA G 58 3.67 -20.84 -0.84
N TRP G 59 5.01 -20.82 -0.87
CA TRP G 59 5.80 -20.38 0.30
C TRP G 59 5.62 -18.86 0.50
N THR G 60 5.21 -18.49 1.70
CA THR G 60 4.82 -17.12 2.08
C THR G 60 5.72 -16.68 3.23
N LEU G 61 6.22 -15.46 3.14
CA LEU G 61 7.14 -14.89 4.16
C LEU G 61 6.36 -14.51 5.42
N VAL G 62 6.53 -15.27 6.48
CA VAL G 62 5.75 -15.05 7.73
C VAL G 62 6.65 -14.31 8.73
N GLY G 63 7.96 -14.57 8.69
CA GLY G 63 8.88 -13.92 9.61
C GLY G 63 10.20 -13.55 8.94
N ILE G 64 10.90 -12.62 9.57
CA ILE G 64 12.31 -12.26 9.24
C ILE G 64 13.15 -12.58 10.47
N VAL G 65 14.21 -13.36 10.26
CA VAL G 65 15.13 -13.76 11.36
C VAL G 65 15.56 -12.49 12.07
N SER G 66 15.32 -12.42 13.38
CA SER G 66 15.57 -11.19 14.15
C SER G 66 16.50 -11.48 15.34
N TRP G 67 16.04 -12.13 16.41
CA TRP G 67 16.87 -12.23 17.66
C TRP G 67 16.43 -13.43 18.49
N GLY G 68 17.27 -13.85 19.42
CA GLY G 68 16.85 -14.88 20.40
C GLY G 68 17.93 -15.11 21.43
N SER G 69 18.16 -16.38 21.73
CA SER G 69 19.26 -16.86 22.59
C SER G 69 20.58 -16.34 22.01
N SER G 70 21.33 -15.57 22.81
CA SER G 70 22.70 -15.08 22.46
C SER G 70 23.62 -16.27 22.18
N THR G 71 23.26 -17.49 22.60
CA THR G 71 24.05 -18.74 22.41
C THR G 71 23.30 -19.75 21.52
N CYS G 72 22.27 -19.32 20.81
CA CYS G 72 21.52 -20.19 19.86
C CYS G 72 21.00 -21.48 20.52
N SER G 73 20.55 -21.39 21.77
CA SER G 73 19.88 -22.51 22.47
C SER G 73 18.69 -23.04 21.67
N THR G 74 18.64 -24.35 21.47
CA THR G 74 17.61 -25.05 20.68
C THR G 74 16.37 -25.38 21.53
N SER G 75 16.35 -24.99 22.79
CA SER G 75 15.20 -25.26 23.70
C SER G 75 14.50 -23.93 24.03
N THR G 76 14.93 -22.84 23.38
CA THR G 76 14.31 -21.52 23.45
C THR G 76 13.88 -21.13 22.03
N PRO G 77 12.73 -20.44 21.84
CA PRO G 77 12.29 -20.09 20.49
C PRO G 77 13.13 -18.92 19.95
N GLY G 78 13.35 -18.94 18.64
CA GLY G 78 13.79 -17.73 17.89
C GLY G 78 12.68 -16.71 17.85
N VAL G 79 13.03 -15.42 17.75
CA VAL G 79 12.06 -14.33 17.59
C VAL G 79 12.28 -13.74 16.20
N TYR G 80 11.19 -13.64 15.46
CA TYR G 80 11.15 -13.16 14.05
C TYR G 80 10.27 -11.93 13.96
N ALA G 81 10.62 -11.02 13.05
CA ALA G 81 9.75 -9.87 12.70
C ALA G 81 8.49 -10.44 12.06
N ARG G 82 7.31 -10.06 12.55
CA ARG G 82 6.03 -10.64 12.08
C ARG G 82 5.61 -9.89 10.82
N VAL G 83 5.73 -10.54 9.68
CA VAL G 83 5.49 -9.85 8.38
C VAL G 83 4.03 -9.42 8.25
N THR G 84 3.03 -10.15 8.77
CA THR G 84 1.63 -9.64 8.60
C THR G 84 1.47 -8.25 9.23
N ALA G 85 2.17 -7.98 10.33
CA ALA G 85 2.12 -6.70 11.05
C ALA G 85 2.82 -5.59 10.28
N LEU G 86 3.71 -5.93 9.35
CA LEU G 86 4.62 -4.99 8.66
C LEU G 86 4.36 -4.95 7.13
N VAL G 87 3.44 -5.76 6.63
CA VAL G 87 3.26 -5.87 5.17
C VAL G 87 2.51 -4.66 4.59
N ASN G 88 1.62 -4.02 5.34
CA ASN G 88 1.03 -2.74 4.91
C ASN G 88 2.16 -1.73 4.65
N TRP G 89 3.13 -1.62 5.54
CA TRP G 89 4.31 -0.74 5.35
C TRP G 89 5.12 -1.16 4.10
N VAL G 90 5.34 -2.46 3.89
CA VAL G 90 6.06 -2.95 2.68
C VAL G 90 5.33 -2.45 1.45
N GLN G 91 4.02 -2.66 1.38
CA GLN G 91 3.26 -2.39 0.13
C GLN G 91 3.25 -0.87 -0.11
N GLN G 92 3.11 -0.09 0.94
CA GLN G 92 3.14 1.40 0.84
C GLN G 92 4.50 1.84 0.28
N THR G 93 5.57 1.23 0.75
CA THR G 93 6.95 1.58 0.33
C THR G 93 7.13 1.25 -1.16
N LEU G 94 6.72 0.06 -1.57
CA LEU G 94 6.81 -0.33 -3.01
C LEU G 94 5.98 0.64 -3.87
N ALA G 95 4.76 0.95 -3.43
CA ALA G 95 3.81 1.72 -4.23
C ALA G 95 4.31 3.16 -4.40
N ALA G 96 5.05 3.69 -3.44
CA ALA G 96 5.50 5.10 -3.45
C ALA G 96 6.86 5.23 -4.13
N ASN G 97 7.51 4.09 -4.43
CA ASN G 97 8.92 4.08 -4.91
C ASN G 97 9.03 3.21 -6.15
N SER H 2 26.49 3.92 14.62
CA SER H 2 25.91 2.60 14.14
C SER H 2 26.84 1.89 13.11
N SER H 3 28.10 2.34 12.98
CA SER H 3 29.13 1.69 12.12
C SER H 3 29.42 0.27 12.60
N VAL H 4 30.04 -0.51 11.73
CA VAL H 4 30.60 -1.85 12.07
C VAL H 4 31.82 -1.63 12.97
N VAL H 5 31.91 -2.34 14.08
CA VAL H 5 33.14 -2.38 14.93
C VAL H 5 34.16 -3.29 14.26
N VAL H 6 35.38 -2.79 14.06
CA VAL H 6 36.44 -3.59 13.40
C VAL H 6 37.65 -3.79 14.34
N ASP H 7 38.39 -4.85 14.11
CA ASP H 7 39.62 -5.24 14.84
C ASP H 7 40.83 -4.52 14.18
N THR H 8 42.02 -4.81 14.66
CA THR H 8 43.24 -4.08 14.21
C THR H 8 43.61 -4.49 12.78
N ASN H 9 43.05 -5.60 12.30
CA ASN H 9 43.18 -6.03 10.88
C ASN H 9 42.07 -5.47 9.99
N GLY H 10 41.15 -4.68 10.56
CA GLY H 10 40.04 -4.07 9.81
C GLY H 10 38.96 -5.10 9.49
N GLN H 11 38.97 -6.26 10.14
CA GLN H 11 37.90 -7.27 10.03
C GLN H 11 36.81 -6.99 11.07
N PRO H 12 35.54 -7.30 10.76
CA PRO H 12 34.45 -7.03 11.67
C PRO H 12 34.63 -7.93 12.91
N VAL H 13 34.40 -7.34 14.07
CA VAL H 13 34.32 -8.05 15.37
C VAL H 13 33.10 -8.97 15.33
N SER H 14 33.32 -10.24 15.66
CA SER H 14 32.22 -11.25 15.62
C SER H 14 31.33 -11.15 16.87
N ASN H 15 30.10 -11.60 16.72
CA ASN H 15 29.09 -11.75 17.80
C ASN H 15 29.35 -13.09 18.48
N GLY H 16 30.18 -13.10 19.52
CA GLY H 16 30.40 -14.25 20.42
C GLY H 16 31.46 -15.24 19.94
N ALA H 17 31.63 -15.44 18.64
CA ALA H 17 32.38 -16.59 18.04
C ALA H 17 33.90 -16.48 18.32
N ASP H 18 34.45 -15.28 18.29
CA ASP H 18 35.91 -15.04 18.45
C ASP H 18 36.13 -14.19 19.68
N ALA H 19 37.34 -14.29 20.22
CA ALA H 19 37.78 -13.52 21.39
C ALA H 19 38.82 -12.49 20.96
N TYR H 20 38.83 -11.35 21.64
CA TYR H 20 39.61 -10.14 21.28
C TYR H 20 40.33 -9.59 22.51
N TYR H 21 41.58 -9.17 22.32
CA TYR H 21 42.31 -8.35 23.33
C TYR H 21 41.86 -6.92 23.16
N LEU H 22 41.57 -6.28 24.29
CA LEU H 22 41.37 -4.83 24.35
C LEU H 22 42.72 -4.23 24.73
N VAL H 23 43.33 -3.53 23.77
CA VAL H 23 44.71 -2.97 23.86
C VAL H 23 44.61 -1.46 24.05
N PRO H 24 44.92 -0.97 25.26
CA PRO H 24 44.80 0.46 25.56
C PRO H 24 45.79 1.27 24.71
N VAL H 25 45.34 2.39 24.15
CA VAL H 25 46.17 3.26 23.27
C VAL H 25 47.14 4.10 24.12
N SER H 26 46.83 4.38 25.39
CA SER H 26 47.58 5.34 26.25
C SER H 26 48.38 4.62 27.35
N HIS H 27 48.19 3.31 27.51
CA HIS H 27 48.86 2.52 28.57
C HIS H 27 49.46 1.26 27.92
N GLY H 28 49.75 1.33 26.62
CA GLY H 28 50.34 0.28 25.76
C GLY H 28 50.63 -1.04 26.48
N HIS H 29 51.49 -1.02 27.49
CA HIS H 29 52.10 -2.20 28.16
C HIS H 29 51.11 -3.02 29.00
N ALA H 30 49.93 -2.48 29.29
CA ALA H 30 48.96 -2.98 30.30
C ALA H 30 47.88 -3.81 29.61
N GLY H 31 47.39 -4.85 30.27
CA GLY H 31 46.37 -5.77 29.73
C GLY H 31 45.32 -6.14 30.76
N LEU H 32 44.16 -6.60 30.29
CA LEU H 32 43.01 -6.92 31.18
C LEU H 32 43.34 -8.09 32.10
N ALA H 33 42.94 -7.97 33.37
CA ALA H 33 43.06 -9.03 34.38
C ALA H 33 41.93 -8.88 35.40
N LEU H 34 41.73 -9.92 36.21
CA LEU H 34 40.86 -9.90 37.41
C LEU H 34 41.72 -9.58 38.64
N ALA H 35 41.19 -8.78 39.57
CA ALA H 35 41.91 -8.36 40.81
C ALA H 35 40.90 -8.30 41.96
N LYS H 36 41.42 -8.39 43.19
CA LYS H 36 40.62 -8.11 44.42
C LYS H 36 40.56 -6.58 44.59
N ILE H 37 39.44 -6.01 45.00
CA ILE H 37 39.42 -4.54 45.31
C ILE H 37 40.01 -4.30 46.71
N GLY H 38 39.62 -5.11 47.69
CA GLY H 38 40.23 -5.18 49.03
C GLY H 38 40.19 -6.61 49.52
N ASN H 39 39.19 -6.94 50.36
CA ASN H 39 39.14 -8.17 51.19
C ASN H 39 38.24 -9.25 50.58
N GLU H 40 38.07 -9.31 49.26
CA GLU H 40 37.22 -10.36 48.66
C GLU H 40 37.99 -11.68 48.68
N ALA H 41 37.27 -12.79 48.87
CA ALA H 41 37.76 -14.16 48.61
C ALA H 41 38.46 -14.18 47.25
N GLU H 42 37.69 -13.93 46.19
CA GLU H 42 38.10 -14.15 44.77
C GLU H 42 38.32 -12.80 44.08
N PRO H 43 39.30 -12.71 43.13
CA PRO H 43 39.48 -11.51 42.31
C PRO H 43 38.35 -11.41 41.26
N ARG H 44 37.53 -10.37 41.37
CA ARG H 44 36.30 -10.19 40.55
C ARG H 44 36.27 -8.78 39.95
N ALA H 45 37.22 -7.91 40.27
CA ALA H 45 37.31 -6.58 39.66
C ALA H 45 38.05 -6.68 38.32
N VAL H 46 37.55 -5.99 37.30
CA VAL H 46 38.24 -5.93 35.98
C VAL H 46 39.24 -4.78 36.02
N VAL H 47 40.50 -5.06 35.74
CA VAL H 47 41.62 -4.07 35.78
C VAL H 47 42.48 -4.23 34.53
N LEU H 48 43.23 -3.18 34.20
CA LEU H 48 44.46 -3.25 33.38
C LEU H 48 45.64 -3.40 34.34
N ASP H 49 46.40 -4.46 34.15
CA ASP H 49 47.60 -4.79 34.96
C ASP H 49 48.82 -4.54 34.08
N PRO H 50 49.78 -3.68 34.51
CA PRO H 50 51.00 -3.40 33.74
C PRO H 50 51.94 -4.61 33.59
N HIS H 51 51.71 -5.67 34.37
CA HIS H 51 52.53 -6.90 34.39
C HIS H 51 51.90 -7.99 33.51
N HIS H 52 50.77 -7.71 32.86
CA HIS H 52 50.02 -8.65 31.99
C HIS H 52 49.83 -8.01 30.62
N ARG H 53 50.47 -8.58 29.60
CA ARG H 53 50.30 -8.21 28.18
C ARG H 53 50.21 -9.51 27.37
N PRO H 54 49.23 -9.66 26.46
CA PRO H 54 48.25 -8.63 26.14
C PRO H 54 46.99 -8.67 27.04
N GLY H 55 46.89 -9.64 27.96
CA GLY H 55 45.80 -9.70 28.96
C GLY H 55 44.75 -10.76 28.59
N LEU H 56 43.67 -10.86 29.37
CA LEU H 56 42.58 -11.83 29.16
C LEU H 56 41.76 -11.33 27.99
N PRO H 57 41.50 -12.15 26.95
CA PRO H 57 40.63 -11.72 25.87
C PRO H 57 39.14 -11.83 26.25
N VAL H 58 38.35 -11.00 25.57
CA VAL H 58 36.88 -10.85 25.80
C VAL H 58 36.11 -11.32 24.56
N ARG H 59 34.87 -11.72 24.79
CA ARG H 59 33.86 -11.96 23.74
C ARG H 59 32.73 -10.95 23.89
N PHE H 60 32.16 -10.54 22.76
CA PHE H 60 31.05 -9.58 22.72
C PHE H 60 29.79 -10.35 22.34
N GLU H 61 28.71 -10.22 23.11
CA GLU H 61 27.49 -11.03 22.86
C GLU H 61 26.31 -10.10 22.66
N SER H 62 25.58 -10.32 21.57
CA SER H 62 24.29 -9.67 21.26
C SER H 62 23.27 -10.77 21.01
N PRO H 63 22.00 -10.58 21.43
CA PRO H 63 20.94 -11.54 21.11
C PRO H 63 20.47 -11.46 19.63
N LEU H 64 20.87 -10.43 18.89
CA LEU H 64 20.59 -10.37 17.42
C LEU H 64 21.27 -11.56 16.71
N PHE H 65 20.63 -12.16 15.71
CA PHE H 65 21.19 -13.33 15.01
C PHE H 65 22.12 -12.86 13.88
N ILE H 66 22.91 -11.83 14.14
CA ILE H 66 23.91 -11.26 13.19
C ILE H 66 25.31 -11.69 13.67
N ASN H 67 26.26 -11.81 12.73
CA ASN H 67 27.59 -12.38 13.02
C ASN H 67 28.61 -11.25 13.21
N ILE H 68 28.19 -10.00 13.34
CA ILE H 68 29.10 -8.85 13.58
C ILE H 68 28.51 -7.88 14.59
N ILE H 69 29.35 -7.03 15.15
CA ILE H 69 28.97 -6.06 16.21
C ILE H 69 28.97 -4.68 15.56
N LYS H 70 27.93 -3.91 15.79
CA LYS H 70 27.80 -2.51 15.35
C LYS H 70 27.78 -1.64 16.61
N GLU H 71 28.19 -0.39 16.47
CA GLU H 71 28.31 0.54 17.63
C GLU H 71 26.97 0.75 18.33
N SER H 72 25.83 0.53 17.67
CA SER H 72 24.47 0.80 18.21
C SER H 72 23.98 -0.37 19.05
N TYR H 73 24.66 -1.52 19.04
CA TYR H 73 24.15 -2.76 19.72
C TYR H 73 24.48 -2.73 21.21
N PHE H 74 23.51 -3.12 22.03
CA PHE H 74 23.73 -3.37 23.47
C PHE H 74 24.37 -4.75 23.63
N LEU H 75 25.48 -4.83 24.40
CA LEU H 75 26.34 -6.04 24.45
C LEU H 75 26.52 -6.51 25.91
N ASN H 76 26.64 -7.82 26.08
CA ASN H 76 27.35 -8.39 27.25
C ASN H 76 28.81 -8.54 26.81
N ILE H 77 29.74 -8.33 27.73
CA ILE H 77 31.18 -8.55 27.50
C ILE H 77 31.62 -9.61 28.50
N LYS H 78 32.39 -10.58 28.07
CA LYS H 78 32.76 -11.66 29.01
C LYS H 78 34.17 -12.15 28.75
N PHE H 79 34.82 -12.59 29.82
CA PHE H 79 36.06 -13.38 29.76
C PHE H 79 35.69 -14.82 29.43
N GLY H 80 36.67 -15.57 28.94
CA GLY H 80 36.61 -17.03 28.87
C GLY H 80 36.03 -17.49 27.55
N PRO H 81 35.89 -18.82 27.35
CA PRO H 81 35.28 -19.40 26.15
C PRO H 81 33.76 -19.13 26.11
N SER H 82 33.16 -19.31 24.93
CA SER H 82 31.70 -19.14 24.69
C SER H 82 30.89 -20.05 25.64
N SER H 83 31.41 -21.24 25.98
CA SER H 83 30.71 -22.24 26.84
C SER H 83 30.47 -21.68 28.26
N SER H 84 31.38 -20.84 28.77
CA SER H 84 31.40 -20.38 30.19
C SER H 84 30.64 -19.07 30.32
N ASP H 85 30.05 -18.83 31.50
CA ASP H 85 29.37 -17.55 31.86
C ASP H 85 29.99 -16.98 33.13
N SER H 86 31.07 -17.58 33.62
CA SER H 86 31.70 -17.17 34.90
C SER H 86 32.24 -15.74 34.78
N GLY H 87 32.51 -15.28 33.56
CA GLY H 87 33.32 -14.06 33.36
C GLY H 87 32.55 -12.88 32.79
N VAL H 88 31.23 -12.72 33.07
CA VAL H 88 30.35 -11.64 32.51
C VAL H 88 30.49 -10.29 33.24
N TRP H 89 30.77 -9.22 32.50
CA TRP H 89 31.01 -7.85 33.06
C TRP H 89 29.71 -7.22 33.52
N ASP H 90 29.79 -6.44 34.60
CA ASP H 90 28.71 -5.51 35.00
C ASP H 90 29.35 -4.42 35.86
N VAL H 91 28.56 -3.44 36.27
CA VAL H 91 29.06 -2.26 37.01
C VAL H 91 28.41 -2.32 38.38
N ILE H 92 29.22 -2.36 39.43
CA ILE H 92 28.77 -2.54 40.85
C ILE H 92 29.44 -1.45 41.68
N GLN H 93 28.67 -0.81 42.57
CA GLN H 93 29.18 0.19 43.54
C GLN H 93 30.21 -0.54 44.44
N GLN H 94 31.45 -0.08 44.52
CA GLN H 94 32.45 -0.67 45.45
C GLN H 94 33.50 0.36 45.86
N ASP H 95 33.48 0.72 47.15
CA ASP H 95 34.48 1.69 47.65
C ASP H 95 35.82 0.99 47.68
N PRO H 96 36.95 1.69 47.47
CA PRO H 96 36.99 3.08 47.07
C PRO H 96 37.02 3.39 45.57
N ILE H 97 36.66 2.42 44.72
CA ILE H 97 36.74 2.60 43.24
C ILE H 97 35.58 3.50 42.80
N GLY H 98 34.39 3.20 43.33
CA GLY H 98 33.14 3.83 42.88
C GLY H 98 32.33 2.82 42.10
N LEU H 99 31.86 3.19 40.92
CA LEU H 99 31.10 2.25 40.04
C LEU H 99 32.14 1.42 39.27
N ALA H 100 32.53 0.29 39.86
CA ALA H 100 33.62 -0.59 39.38
C ALA H 100 33.07 -1.60 38.38
N VAL H 101 33.86 -1.92 37.34
CA VAL H 101 33.51 -3.02 36.40
C VAL H 101 33.98 -4.32 37.07
N LYS H 102 33.06 -5.23 37.31
CA LYS H 102 33.33 -6.55 37.96
C LYS H 102 32.63 -7.66 37.19
N VAL H 103 33.12 -8.88 37.34
CA VAL H 103 32.45 -10.10 36.79
C VAL H 103 31.34 -10.53 37.75
N THR H 104 30.20 -10.91 37.19
CA THR H 104 28.99 -11.29 37.93
C THR H 104 28.57 -12.67 37.43
N ASP H 105 27.78 -13.36 38.24
CA ASP H 105 27.34 -14.77 38.05
C ASP H 105 25.92 -14.77 37.45
N THR H 106 25.51 -13.65 36.84
CA THR H 106 24.20 -13.43 36.21
C THR H 106 24.38 -12.53 34.98
N LYS H 107 23.59 -12.77 33.93
CA LYS H 107 23.62 -12.07 32.62
C LYS H 107 22.19 -11.72 32.19
N SER H 108 21.93 -10.47 31.77
CA SER H 108 20.62 -9.98 31.24
C SER H 108 20.60 -10.07 29.71
N LEU H 109 19.40 -10.15 29.07
CA LEU H 109 19.23 -10.33 27.58
C LEU H 109 20.05 -9.26 26.87
N LEU H 110 19.68 -8.02 27.13
CA LEU H 110 20.39 -6.82 26.63
C LEU H 110 21.42 -6.48 27.71
N GLY H 111 22.71 -6.65 27.39
CA GLY H 111 23.79 -6.23 28.28
C GLY H 111 23.81 -4.72 28.36
N PRO H 112 24.61 -4.18 29.29
CA PRO H 112 24.64 -2.76 29.54
C PRO H 112 25.69 -1.97 28.75
N PHE H 113 26.45 -2.62 27.88
CA PHE H 113 27.62 -1.97 27.26
C PHE H 113 27.38 -1.73 25.77
N LYS H 114 27.95 -0.65 25.29
CA LYS H 114 28.17 -0.46 23.84
C LYS H 114 29.65 -0.22 23.60
N VAL H 115 30.11 -0.54 22.41
CA VAL H 115 31.48 -0.20 21.95
C VAL H 115 31.30 0.97 20.97
N GLU H 116 31.86 2.13 21.28
CA GLU H 116 31.65 3.39 20.50
CA GLU H 116 31.64 3.37 20.49
C GLU H 116 33.03 3.88 20.02
N LYS H 117 33.11 4.37 18.79
CA LYS H 117 34.34 4.98 18.24
C LYS H 117 34.76 6.14 19.16
N GLU H 118 36.06 6.25 19.43
CA GLU H 118 36.64 7.40 20.17
C GLU H 118 38.11 7.51 19.80
N GLY H 119 38.52 8.70 19.32
CA GLY H 119 39.88 8.94 18.81
C GLY H 119 40.22 7.90 17.76
N GLU H 120 41.34 7.22 17.94
CA GLU H 120 41.89 6.25 16.95
C GLU H 120 41.35 4.84 17.25
N GLY H 121 40.51 4.66 18.29
CA GLY H 121 39.94 3.34 18.58
C GLY H 121 38.52 3.41 19.10
N TYR H 122 38.27 2.69 20.17
CA TYR H 122 36.94 2.50 20.75
C TYR H 122 37.03 2.64 22.27
N LYS H 123 35.92 3.07 22.83
CA LYS H 123 35.67 3.12 24.28
C LYS H 123 34.52 2.19 24.62
N ILE H 124 34.46 1.77 25.86
CA ILE H 124 33.29 1.05 26.38
C ILE H 124 32.40 2.07 27.09
N VAL H 125 31.11 2.04 26.78
CA VAL H 125 30.11 2.96 27.34
C VAL H 125 29.05 2.13 28.04
N TYR H 126 28.71 2.54 29.26
CA TYR H 126 27.79 1.85 30.17
C TYR H 126 26.45 2.59 30.22
N TYR H 127 25.38 1.83 30.02
CA TYR H 127 23.96 2.30 29.98
C TYR H 127 23.23 1.64 31.14
N PRO H 128 23.18 2.32 32.31
CA PRO H 128 22.47 1.81 33.47
C PRO H 128 20.96 1.60 33.22
N GLU H 129 20.33 2.38 32.36
CA GLU H 129 18.87 2.26 32.06
C GLU H 129 18.53 1.97 30.58
N ARG H 130 19.40 2.31 29.61
CA ARG H 130 19.38 1.93 28.14
C ARG H 130 18.76 3.08 27.31
N GLY H 131 17.60 3.58 27.72
CA GLY H 131 16.93 4.76 27.13
C GLY H 131 17.55 6.07 27.59
N GLN H 132 18.23 6.06 28.74
CA GLN H 132 18.97 7.21 29.32
C GLN H 132 20.40 7.22 28.75
N THR H 133 21.15 8.32 28.91
CA THR H 133 22.47 8.47 28.23
C THR H 133 23.46 7.47 28.79
N GLY H 134 24.52 7.21 28.03
CA GLY H 134 25.61 6.31 28.42
C GLY H 134 26.62 7.03 29.29
N LEU H 135 27.46 6.26 29.99
CA LEU H 135 28.55 6.81 30.83
C LEU H 135 29.84 6.15 30.36
N ASP H 136 30.86 6.91 30.02
CA ASP H 136 32.16 6.35 29.59
C ASP H 136 32.73 5.46 30.70
N ILE H 137 33.34 4.34 30.31
CA ILE H 137 34.22 3.54 31.21
C ILE H 137 35.62 4.12 31.11
N GLY H 138 36.20 4.46 32.26
CA GLY H 138 37.60 4.90 32.39
C GLY H 138 38.34 4.07 33.41
N LEU H 139 39.35 4.67 34.02
CA LEU H 139 40.32 3.98 34.90
C LEU H 139 40.44 4.76 36.20
N VAL H 140 40.52 4.01 37.30
CA VAL H 140 40.94 4.51 38.65
C VAL H 140 42.19 3.73 39.02
N HIS H 141 43.31 4.45 39.08
CA HIS H 141 44.67 3.96 39.43
C HIS H 141 44.74 3.71 40.94
N ARG H 142 45.00 2.48 41.35
CA ARG H 142 45.11 2.02 42.77
C ARG H 142 45.90 0.71 42.81
N ASN H 143 46.78 0.55 43.80
CA ASN H 143 47.49 -0.74 44.06
C ASN H 143 48.28 -1.18 42.82
N ASP H 144 48.86 -0.22 42.08
CA ASP H 144 49.68 -0.43 40.84
C ASP H 144 48.85 -1.02 39.69
N LYS H 145 47.52 -1.02 39.79
CA LYS H 145 46.58 -1.47 38.73
C LYS H 145 45.64 -0.33 38.35
N TYR H 146 45.03 -0.41 37.18
CA TYR H 146 43.99 0.53 36.72
C TYR H 146 42.65 -0.20 36.76
N TYR H 147 41.81 0.11 37.73
CA TYR H 147 40.48 -0.50 37.87
C TYR H 147 39.60 0.11 36.78
N LEU H 148 38.91 -0.74 36.01
CA LEU H 148 37.91 -0.21 35.07
C LEU H 148 36.76 0.29 35.95
N ALA H 149 36.28 1.48 35.65
CA ALA H 149 35.23 2.16 36.44
C ALA H 149 34.50 3.19 35.58
N VAL H 150 33.27 3.51 35.94
CA VAL H 150 32.54 4.65 35.31
C VAL H 150 33.34 5.93 35.58
N LYS H 151 33.71 6.64 34.52
CA LYS H 151 34.40 7.95 34.59
C LYS H 151 33.91 8.78 33.40
N ASP H 152 32.66 9.23 33.47
CA ASP H 152 31.99 9.89 32.32
C ASP H 152 32.83 11.09 31.87
N GLY H 153 33.11 11.13 30.57
CA GLY H 153 33.94 12.18 29.95
C GLY H 153 35.41 11.84 29.94
N GLU H 154 35.84 10.77 30.63
CA GLU H 154 37.27 10.35 30.69
C GLU H 154 37.42 8.88 30.28
N PRO H 155 37.06 8.54 29.02
CA PRO H 155 37.03 7.15 28.59
C PRO H 155 38.44 6.55 28.44
N CYS H 156 38.58 5.27 28.74
CA CYS H 156 39.76 4.49 28.33
C CYS H 156 39.61 4.10 26.86
N VAL H 157 40.58 4.44 26.01
CA VAL H 157 40.50 4.18 24.54
C VAL H 157 41.29 2.91 24.25
N PHE H 158 40.67 1.98 23.52
CA PHE H 158 41.18 0.64 23.20
C PHE H 158 41.21 0.45 21.69
N LYS H 159 42.16 -0.35 21.24
CA LYS H 159 42.13 -1.02 19.92
C LYS H 159 41.77 -2.47 20.19
N ILE H 160 41.14 -3.11 19.23
CA ILE H 160 40.56 -4.46 19.43
C ILE H 160 41.34 -5.43 18.55
N ARG H 161 42.06 -6.35 19.16
CA ARG H 161 42.96 -7.28 18.42
C ARG H 161 42.46 -8.72 18.55
N LYS H 162 42.11 -9.32 17.44
CA LYS H 162 41.59 -10.71 17.45
C LYS H 162 42.65 -11.64 18.03
N ALA H 163 42.24 -12.53 18.92
CA ALA H 163 43.12 -13.50 19.62
C ALA H 163 43.53 -14.72 18.76
N THR H 164 42.98 -14.95 17.57
CA THR H 164 43.47 -16.05 16.69
C THR H 164 44.72 -15.57 15.93
#